data_4R0L
#
_entry.id   4R0L
#
_cell.length_a   86.783
_cell.length_b   86.783
_cell.length_c   205.804
_cell.angle_alpha   90.00
_cell.angle_beta   90.00
_cell.angle_gamma   120.00
#
_symmetry.space_group_name_H-M   'P 31'
#
loop_
_entity.id
_entity.type
_entity.pdbx_description
1 polymer 'Antibody 1C6 Heavy chain'
2 polymer 'T-cell costimulatory molecule CD28'
3 polymer 'Antibody 1C6 Light chain'
4 branched 2-acetamido-2-deoxy-beta-D-glucopyranose-(1-4)-[alpha-L-fucopyranose-(1-6)]2-acetamido-2-deoxy-beta-D-glucopyranose
5 branched 2-acetamido-2-deoxy-beta-D-glucopyranose-(1-4)-2-acetamido-2-deoxy-beta-D-glucopyranose
6 non-polymer 2-acetamido-2-deoxy-beta-D-glucopyranose
7 water water
#
loop_
_entity_poly.entity_id
_entity_poly.type
_entity_poly.pdbx_seq_one_letter_code
_entity_poly.pdbx_strand_id
1 'polypeptide(L)'
;SQIQLVQSGPELKKPGETVKISCKASGYTFTNYGMTWVKQAPRKGLKWMGWINTYTGRPTYADDFKGRFAFSLETSASTA
YLQINNLKHEDTATYFCASLGEDFWGQGTTLTVSSHHHHHH
;
A,H
2 'polypeptide(L)'
;SNKILVKQLPRLVVYNNEVNLSCKYTYNLFSKEFRASLYKGVDSAVEVCVVNGNYSHQPQFYSSTGFDCDGKLGNETVTF
YLRNLFVNQTDIYFCKIEVMYPPPYIGNEKSNGTIIHVKSAWSHPQFEK
;
C,D
3 'polypeptide(L)'
;MDIVMTQAAPSVPVTPGESVSISCRSTKSLLHSNGNTYLYWFLQRPGQSPQRLIYYMSNLASGVPDRFSGRGSGTDFTLR
ISRVEAEDAGVYYCMQSLEYPYTFGGGTKLEIKRLVP
;
L,B
#
loop_
_chem_comp.id
_chem_comp.type
_chem_comp.name
_chem_comp.formula
FUC L-saccharide, alpha linking alpha-L-fucopyranose 'C6 H12 O5'
NAG D-saccharide, beta linking 2-acetamido-2-deoxy-beta-D-glucopyranose 'C8 H15 N O6'
#
# COMPACT_ATOMS: atom_id res chain seq x y z
N SER A 1 7.64 -42.91 -17.14
CA SER A 1 6.76 -41.73 -17.37
C SER A 1 7.59 -40.46 -17.67
N GLN A 2 8.43 -40.55 -18.69
CA GLN A 2 8.98 -39.35 -19.31
C GLN A 2 7.85 -38.43 -19.75
N ILE A 3 8.08 -37.13 -19.61
CA ILE A 3 7.29 -36.11 -20.29
C ILE A 3 7.18 -36.52 -21.78
N GLN A 4 6.03 -36.23 -22.38
CA GLN A 4 5.71 -36.81 -23.67
C GLN A 4 4.40 -36.22 -24.22
N LEU A 5 4.51 -35.43 -25.27
CA LEU A 5 3.33 -34.94 -25.99
C LEU A 5 2.97 -35.93 -27.13
N VAL A 6 1.68 -36.10 -27.39
CA VAL A 6 1.24 -37.16 -28.29
C VAL A 6 -0.02 -36.77 -29.01
N GLN A 7 -0.01 -36.87 -30.34
CA GLN A 7 -0.94 -36.07 -31.11
C GLN A 7 -1.78 -36.94 -32.00
N SER A 8 -2.90 -36.39 -32.45
CA SER A 8 -3.85 -37.09 -33.29
C SER A 8 -3.21 -37.60 -34.57
N GLY A 9 -3.89 -38.51 -35.22
CA GLY A 9 -3.37 -39.15 -36.40
C GLY A 9 -3.50 -38.34 -37.68
N PRO A 10 -3.10 -38.95 -38.79
CA PRO A 10 -3.05 -38.21 -40.04
C PRO A 10 -4.45 -37.85 -40.51
N GLU A 11 -4.55 -36.78 -41.29
CA GLU A 11 -5.83 -36.29 -41.76
C GLU A 11 -5.84 -36.15 -43.28
N LEU A 12 -6.89 -36.67 -43.90
CA LEU A 12 -7.19 -36.42 -45.32
C LEU A 12 -8.57 -35.78 -45.46
N LYS A 13 -8.62 -34.45 -45.40
CA LYS A 13 -9.89 -33.74 -45.41
C LYS A 13 -10.02 -32.82 -46.64
N LYS A 14 -11.20 -32.82 -47.24
CA LYS A 14 -11.49 -32.00 -48.42
C LYS A 14 -12.05 -30.65 -48.00
N PRO A 15 -11.94 -29.63 -48.88
CA PRO A 15 -12.19 -28.23 -48.52
C PRO A 15 -13.54 -27.95 -47.86
N GLY A 16 -13.57 -26.90 -47.04
CA GLY A 16 -14.81 -26.39 -46.44
C GLY A 16 -15.39 -27.28 -45.36
N GLU A 17 -14.52 -27.82 -44.51
CA GLU A 17 -14.95 -28.68 -43.41
C GLU A 17 -14.16 -28.36 -42.14
N THR A 18 -14.70 -28.80 -41.01
CA THR A 18 -13.99 -28.70 -39.74
C THR A 18 -12.94 -29.81 -39.57
N VAL A 19 -11.94 -29.54 -38.74
CA VAL A 19 -11.15 -30.58 -38.10
C VAL A 19 -10.60 -30.09 -36.76
N LYS A 20 -10.68 -30.94 -35.74
CA LYS A 20 -9.87 -30.79 -34.52
C LYS A 20 -8.67 -31.76 -34.61
N ILE A 21 -7.51 -31.29 -34.20
CA ILE A 21 -6.34 -32.13 -34.03
C ILE A 21 -5.95 -32.10 -32.54
N SER A 22 -5.78 -33.28 -31.95
CA SER A 22 -5.55 -33.41 -30.52
C SER A 22 -4.08 -33.54 -30.17
N CYS A 23 -3.69 -33.01 -29.01
CA CYS A 23 -2.36 -33.22 -28.46
C CYS A 23 -2.46 -33.58 -26.99
N LYS A 24 -2.10 -34.82 -26.62
CA LYS A 24 -2.30 -35.29 -25.24
C LYS A 24 -0.99 -35.31 -24.46
N ALA A 25 -1.03 -34.69 -23.28
CA ALA A 25 0.14 -34.34 -22.52
C ALA A 25 0.30 -35.30 -21.35
N SER A 26 1.52 -35.78 -21.13
CA SER A 26 1.80 -36.90 -20.23
C SER A 26 3.15 -36.72 -19.58
N GLY A 27 3.27 -37.12 -18.34
CA GLY A 27 4.60 -37.37 -17.76
C GLY A 27 5.01 -36.17 -16.92
N TYR A 28 4.25 -35.10 -17.07
CA TYR A 28 4.63 -33.83 -16.54
C TYR A 28 3.36 -33.08 -16.20
N THR A 29 3.53 -32.06 -15.37
CA THR A 29 2.42 -31.53 -14.60
C THR A 29 1.25 -31.03 -15.46
N PHE A 30 1.35 -29.89 -16.13
CA PHE A 30 0.72 -29.70 -17.45
C PHE A 30 0.06 -28.36 -17.58
N THR A 31 -0.78 -28.04 -16.60
CA THR A 31 -1.36 -26.70 -16.52
C THR A 31 -0.33 -25.65 -16.04
N ASN A 32 0.85 -26.13 -15.65
CA ASN A 32 1.98 -25.27 -15.33
C ASN A 32 2.74 -24.73 -16.52
N TYR A 33 2.60 -25.37 -17.67
CA TYR A 33 3.32 -24.92 -18.84
C TYR A 33 2.37 -24.59 -19.99
N GLY A 34 2.79 -23.64 -20.83
CA GLY A 34 2.01 -23.21 -21.97
C GLY A 34 2.15 -24.16 -23.14
N MET A 35 1.37 -23.90 -24.19
CA MET A 35 1.14 -24.85 -25.26
C MET A 35 1.05 -24.10 -26.56
N THR A 36 2.10 -24.25 -27.37
CA THR A 36 2.22 -23.63 -28.68
C THR A 36 1.68 -24.53 -29.80
N TRP A 37 1.22 -23.91 -30.88
CA TRP A 37 0.88 -24.62 -32.11
C TRP A 37 1.60 -24.02 -33.31
N VAL A 38 2.12 -24.89 -34.17
CA VAL A 38 3.17 -24.53 -35.13
C VAL A 38 2.88 -25.19 -36.48
N LYS A 39 2.70 -24.39 -37.54
CA LYS A 39 2.39 -24.99 -38.86
C LYS A 39 3.67 -25.24 -39.62
N GLN A 40 3.71 -26.34 -40.37
CA GLN A 40 4.78 -26.56 -41.34
C GLN A 40 4.26 -27.11 -42.67
N ALA A 41 4.01 -26.19 -43.61
CA ALA A 41 3.74 -26.52 -45.01
C ALA A 41 4.86 -27.38 -45.52
N PRO A 42 4.66 -28.03 -46.69
CA PRO A 42 5.43 -29.26 -46.82
C PRO A 42 6.90 -28.99 -47.17
N ARG A 43 7.15 -28.23 -48.21
CA ARG A 43 8.55 -28.01 -48.54
C ARG A 43 9.04 -26.70 -47.90
N LYS A 44 8.12 -25.90 -47.38
CA LYS A 44 8.46 -24.71 -46.61
C LYS A 44 8.88 -25.03 -45.15
N GLY A 45 9.29 -24.00 -44.39
CA GLY A 45 9.72 -24.16 -42.99
C GLY A 45 8.64 -23.86 -41.95
N LEU A 46 9.07 -23.55 -40.72
CA LEU A 46 8.19 -23.65 -39.53
C LEU A 46 7.53 -22.31 -39.31
N LYS A 47 6.26 -22.33 -38.88
CA LYS A 47 5.52 -21.09 -38.58
C LYS A 47 4.76 -21.23 -37.28
N TRP A 48 4.83 -20.16 -36.49
CA TRP A 48 4.25 -20.10 -35.15
C TRP A 48 2.84 -19.58 -35.31
N MET A 49 1.89 -20.34 -34.79
CA MET A 49 0.51 -19.98 -34.96
C MET A 49 0.09 -19.17 -33.76
N GLY A 50 0.61 -19.51 -32.58
CA GLY A 50 0.11 -18.97 -31.30
C GLY A 50 0.35 -19.88 -30.09
N TRP A 51 -0.33 -19.60 -28.98
CA TRP A 51 -0.41 -20.56 -27.90
C TRP A 51 -1.70 -20.43 -27.06
N ILE A 52 -2.08 -21.52 -26.36
CA ILE A 52 -3.17 -21.47 -25.33
C ILE A 52 -2.55 -21.54 -23.95
N ASN A 53 -3.13 -20.78 -23.03
CA ASN A 53 -2.77 -20.79 -21.62
C ASN A 53 -3.48 -21.92 -20.87
N THR A 54 -2.75 -23.00 -20.60
CA THR A 54 -3.32 -24.26 -20.08
C THR A 54 -4.08 -24.08 -18.76
N TYR A 55 -3.70 -23.07 -17.99
CA TYR A 55 -4.46 -22.73 -16.79
C TYR A 55 -5.69 -21.89 -17.13
N THR A 56 -5.45 -20.76 -17.80
CA THR A 56 -6.44 -19.72 -17.95
C THR A 56 -7.32 -19.99 -19.15
N GLY A 57 -6.89 -20.83 -20.07
CA GLY A 57 -7.64 -21.03 -21.31
C GLY A 57 -7.25 -20.09 -22.44
N ARG A 58 -7.08 -18.80 -22.11
CA ARG A 58 -6.89 -17.72 -23.11
C ARG A 58 -5.87 -18.06 -24.22
N PRO A 59 -6.32 -18.13 -25.48
CA PRO A 59 -5.38 -18.31 -26.57
C PRO A 59 -4.99 -16.98 -27.18
N THR A 60 -3.73 -16.89 -27.60
CA THR A 60 -3.26 -15.81 -28.46
C THR A 60 -2.95 -16.41 -29.81
N TYR A 61 -3.35 -15.72 -30.87
CA TYR A 61 -3.08 -16.21 -32.23
C TYR A 61 -2.13 -15.28 -32.98
N ALA A 62 -1.23 -15.85 -33.75
CA ALA A 62 -0.44 -15.09 -34.71
C ALA A 62 -1.37 -14.45 -35.73
N ASP A 63 -0.94 -13.34 -36.33
CA ASP A 63 -1.91 -12.52 -37.08
C ASP A 63 -2.46 -13.29 -38.27
N ASP A 64 -1.60 -13.96 -39.03
CA ASP A 64 -2.03 -14.63 -40.25
C ASP A 64 -3.05 -15.72 -39.89
N PHE A 65 -2.83 -16.35 -38.74
CA PHE A 65 -3.72 -17.40 -38.25
C PHE A 65 -5.01 -16.88 -37.57
N LYS A 66 -5.19 -15.56 -37.54
CA LYS A 66 -6.35 -14.94 -36.89
C LYS A 66 -7.59 -15.83 -36.91
N GLY A 67 -8.36 -15.81 -38.00
CA GLY A 67 -9.72 -16.35 -37.99
C GLY A 67 -9.79 -17.70 -38.68
N ARG A 68 -10.66 -18.58 -38.17
CA ARG A 68 -10.87 -19.93 -38.73
C ARG A 68 -10.07 -21.02 -38.01
N PHE A 69 -9.01 -20.60 -37.30
CA PHE A 69 -8.19 -21.53 -36.50
C PHE A 69 -8.51 -21.32 -35.03
N ALA A 70 -8.61 -22.40 -34.28
CA ALA A 70 -9.07 -22.26 -32.91
C ALA A 70 -8.50 -23.33 -32.01
N PHE A 71 -8.06 -22.87 -30.85
CA PHE A 71 -7.40 -23.73 -29.89
C PHE A 71 -8.26 -23.82 -28.58
N SER A 72 -8.02 -24.89 -27.82
CA SER A 72 -8.94 -25.32 -26.81
C SER A 72 -8.38 -26.56 -26.10
N LEU A 73 -8.91 -26.82 -24.90
CA LEU A 73 -8.25 -27.68 -23.95
C LEU A 73 -9.33 -28.53 -23.28
N GLU A 74 -9.12 -29.85 -23.13
CA GLU A 74 -9.76 -30.61 -22.02
C GLU A 74 -8.76 -30.81 -20.92
N THR A 75 -8.84 -29.93 -19.95
CA THR A 75 -7.78 -29.62 -19.02
C THR A 75 -7.54 -30.75 -18.00
N SER A 76 -8.61 -31.47 -17.65
CA SER A 76 -8.57 -32.61 -16.73
C SER A 76 -8.10 -33.90 -17.38
N ALA A 77 -8.20 -33.96 -18.70
CA ALA A 77 -7.68 -35.07 -19.48
C ALA A 77 -6.43 -34.65 -20.23
N SER A 78 -5.84 -33.53 -19.81
CA SER A 78 -4.45 -33.24 -20.15
C SER A 78 -4.21 -33.06 -21.66
N THR A 79 -5.29 -32.83 -22.42
CA THR A 79 -5.27 -32.81 -23.89
C THR A 79 -5.67 -31.44 -24.45
N ALA A 80 -4.90 -30.99 -25.45
CA ALA A 80 -5.16 -29.74 -26.19
C ALA A 80 -5.63 -30.03 -27.62
N TYR A 81 -6.27 -29.03 -28.25
CA TYR A 81 -6.82 -29.18 -29.60
C TYR A 81 -6.62 -27.94 -30.46
N LEU A 82 -6.06 -28.10 -31.67
CA LEU A 82 -6.25 -27.13 -32.78
C LEU A 82 -7.50 -27.53 -33.54
N GLN A 83 -8.32 -26.56 -33.90
CA GLN A 83 -9.38 -26.82 -34.85
C GLN A 83 -9.38 -25.77 -35.92
N ILE A 84 -9.35 -26.24 -37.18
CA ILE A 84 -9.24 -25.36 -38.34
C ILE A 84 -10.62 -25.44 -39.03
N ASN A 85 -11.13 -24.33 -39.55
CA ASN A 85 -12.51 -24.27 -40.06
C ASN A 85 -12.61 -23.65 -41.45
N ASN A 86 -13.66 -24.01 -42.18
CA ASN A 86 -13.87 -23.63 -43.59
C ASN A 86 -12.65 -23.90 -44.47
N LEU A 87 -12.05 -25.08 -44.27
CA LEU A 87 -10.65 -25.33 -44.65
C LEU A 87 -10.36 -25.01 -46.12
N LYS A 88 -9.16 -24.50 -46.37
CA LYS A 88 -8.71 -24.09 -47.69
C LYS A 88 -7.41 -24.87 -47.99
N HIS A 89 -7.16 -25.23 -49.25
CA HIS A 89 -5.93 -25.97 -49.62
C HIS A 89 -4.65 -25.38 -49.00
N GLU A 90 -4.56 -24.05 -48.97
CA GLU A 90 -3.60 -23.35 -48.11
C GLU A 90 -3.21 -24.21 -46.91
N ASP A 91 -4.23 -24.75 -46.25
CA ASP A 91 -4.08 -25.26 -44.88
C ASP A 91 -3.47 -26.65 -44.77
N THR A 92 -3.16 -27.28 -45.90
CA THR A 92 -2.38 -28.51 -45.86
C THR A 92 -0.98 -28.29 -45.27
N ALA A 93 -0.70 -28.98 -44.16
CA ALA A 93 0.64 -29.03 -43.59
C ALA A 93 0.67 -30.10 -42.52
N THR A 94 1.86 -30.46 -42.04
CA THR A 94 1.98 -31.13 -40.74
C THR A 94 1.84 -30.04 -39.65
N TYR A 95 1.18 -30.39 -38.56
CA TYR A 95 0.87 -29.43 -37.51
C TYR A 95 1.42 -29.92 -36.19
N PHE A 96 2.26 -29.10 -35.58
CA PHE A 96 2.91 -29.43 -34.32
C PHE A 96 2.34 -28.70 -33.10
N CYS A 97 1.77 -29.46 -32.17
CA CYS A 97 1.70 -29.08 -30.76
C CYS A 97 3.10 -29.20 -30.11
N ALA A 98 3.38 -28.29 -29.18
CA ALA A 98 4.62 -28.33 -28.38
C ALA A 98 4.45 -27.53 -27.12
N SER A 99 5.22 -27.88 -26.09
CA SER A 99 5.18 -27.21 -24.79
C SER A 99 6.51 -27.35 -24.03
N LEU A 100 6.43 -27.15 -22.73
CA LEU A 100 7.59 -27.18 -21.83
C LEU A 100 8.78 -26.37 -22.39
N GLY A 101 8.52 -25.10 -22.70
CA GLY A 101 9.58 -24.20 -23.18
C GLY A 101 10.02 -24.50 -24.60
N GLU A 102 9.07 -24.98 -25.40
CA GLU A 102 9.40 -25.48 -26.72
C GLU A 102 10.50 -26.55 -26.65
N ASP A 103 10.57 -27.28 -25.55
CA ASP A 103 11.60 -28.30 -25.37
C ASP A 103 11.03 -29.63 -25.75
N PHE A 104 9.73 -29.83 -25.54
CA PHE A 104 9.05 -31.05 -25.98
C PHE A 104 8.05 -30.78 -27.09
N TRP A 105 8.22 -31.51 -28.20
CA TRP A 105 7.32 -31.41 -29.36
C TRP A 105 6.59 -32.71 -29.67
N GLY A 106 5.45 -32.58 -30.34
CA GLY A 106 4.74 -33.74 -30.84
C GLY A 106 5.36 -34.50 -32.00
N GLN A 107 4.91 -35.74 -32.14
CA GLN A 107 4.96 -36.51 -33.40
C GLN A 107 4.85 -35.65 -34.65
N GLY A 108 3.91 -34.71 -34.67
CA GLY A 108 3.44 -34.13 -35.93
C GLY A 108 2.16 -34.78 -36.41
N THR A 109 1.31 -33.98 -37.05
CA THR A 109 0.00 -34.45 -37.51
C THR A 109 -0.29 -33.89 -38.89
N THR A 110 -0.22 -34.75 -39.89
CA THR A 110 -0.16 -34.30 -41.27
C THR A 110 -1.56 -34.12 -41.81
N LEU A 111 -1.94 -32.88 -42.04
CA LEU A 111 -3.18 -32.58 -42.73
C LEU A 111 -2.91 -32.37 -44.22
N THR A 112 -3.81 -32.88 -45.05
CA THR A 112 -3.78 -32.60 -46.48
C THR A 112 -5.16 -32.22 -47.00
N VAL A 113 -5.18 -31.34 -48.00
CA VAL A 113 -6.43 -30.76 -48.49
C VAL A 113 -6.36 -30.47 -49.98
N LYS B 3 17.13 -16.57 4.03
CA LYS B 3 16.08 -16.57 2.97
C LYS B 3 16.51 -15.74 1.74
N ILE B 4 15.58 -15.64 0.78
CA ILE B 4 15.76 -14.88 -0.46
C ILE B 4 15.08 -13.54 -0.20
N LEU B 5 15.82 -12.43 -0.38
CA LEU B 5 15.29 -11.07 -0.19
C LEU B 5 14.78 -10.47 -1.52
N VAL B 6 13.54 -9.95 -1.54
CA VAL B 6 12.93 -9.36 -2.75
C VAL B 6 13.03 -7.85 -2.72
N LYS B 7 13.27 -7.24 -3.88
CA LYS B 7 13.26 -5.77 -4.04
C LYS B 7 12.24 -5.34 -5.12
N GLN B 8 11.29 -4.48 -4.77
CA GLN B 8 10.37 -3.90 -5.75
C GLN B 8 10.35 -2.37 -5.69
N LEU B 9 10.12 -1.71 -6.84
CA LEU B 9 9.88 -0.25 -6.88
C LEU B 9 8.73 0.09 -5.92
N PRO B 10 8.87 1.21 -5.19
CA PRO B 10 8.07 1.47 -4.00
C PRO B 10 6.71 2.06 -4.32
N ARG B 11 6.56 2.63 -5.52
CA ARG B 11 5.23 2.93 -6.08
C ARG B 11 5.30 3.03 -7.58
N LEU B 12 4.48 2.23 -8.28
CA LEU B 12 4.19 2.43 -9.72
C LEU B 12 2.83 3.13 -9.85
N VAL B 13 2.76 4.03 -10.81
CA VAL B 13 1.56 4.80 -11.04
C VAL B 13 1.16 4.73 -12.52
N VAL B 14 -0.13 4.48 -12.76
CA VAL B 14 -0.59 3.86 -13.98
C VAL B 14 -1.70 4.69 -14.60
N TYR B 15 -1.55 5.06 -15.86
CA TYR B 15 -2.67 5.57 -16.63
C TYR B 15 -3.06 4.64 -17.80
N ASN B 16 -2.11 3.87 -18.33
CA ASN B 16 -2.38 2.80 -19.30
C ASN B 16 -3.49 1.83 -18.89
N ASN B 17 -3.83 1.80 -17.59
CA ASN B 17 -4.54 0.68 -17.00
C ASN B 17 -3.76 -0.64 -17.17
N GLU B 18 -2.44 -0.55 -17.28
CA GLU B 18 -1.58 -1.69 -17.50
C GLU B 18 -0.19 -1.42 -16.88
N VAL B 19 0.42 -2.44 -16.28
CA VAL B 19 1.71 -2.29 -15.62
C VAL B 19 2.69 -3.43 -15.90
N ASN B 20 3.96 -3.16 -15.67
CA ASN B 20 5.02 -4.14 -15.85
C ASN B 20 5.87 -4.01 -14.60
N LEU B 21 5.91 -5.05 -13.78
CA LEU B 21 6.35 -4.94 -12.40
C LEU B 21 7.37 -6.04 -12.05
N SER B 22 8.65 -5.71 -12.07
CA SER B 22 9.69 -6.73 -11.97
C SER B 22 10.11 -6.85 -10.53
N CYS B 23 10.22 -8.08 -10.05
CA CYS B 23 10.57 -8.33 -8.65
C CYS B 23 11.96 -8.92 -8.61
N LYS B 24 12.95 -8.09 -8.27
CA LYS B 24 14.33 -8.51 -8.32
C LYS B 24 14.67 -9.28 -7.03
N TYR B 25 15.09 -10.55 -7.18
CA TYR B 25 15.58 -11.38 -6.06
C TYR B 25 17.09 -11.34 -5.86
N THR B 26 17.53 -11.83 -4.71
CA THR B 26 18.94 -12.14 -4.47
C THR B 26 19.16 -13.64 -4.45
N TYR B 27 19.08 -14.26 -5.62
CA TYR B 27 18.98 -15.71 -5.73
C TYR B 27 18.82 -16.02 -7.18
N ASN B 28 19.59 -16.99 -7.65
CA ASN B 28 19.60 -17.35 -9.06
C ASN B 28 18.65 -18.49 -9.27
N LEU B 29 17.57 -18.24 -9.97
CA LEU B 29 16.49 -19.20 -10.06
C LEU B 29 16.81 -20.18 -11.24
N PHE B 30 18.03 -20.05 -11.77
CA PHE B 30 18.49 -20.90 -12.85
C PHE B 30 18.46 -22.36 -12.41
N SER B 31 18.08 -23.23 -13.34
CA SER B 31 17.64 -24.58 -13.01
C SER B 31 17.23 -24.78 -11.54
N LYS B 32 16.15 -24.10 -11.14
CA LYS B 32 15.46 -24.44 -9.92
C LYS B 32 13.97 -24.63 -10.20
N GLU B 33 13.39 -25.63 -9.54
CA GLU B 33 11.95 -25.75 -9.49
C GLU B 33 11.47 -24.80 -8.39
N PHE B 34 10.61 -23.86 -8.77
CA PHE B 34 10.13 -22.86 -7.83
C PHE B 34 8.67 -22.48 -8.07
N ARG B 35 8.15 -21.59 -7.23
CA ARG B 35 6.84 -21.01 -7.42
C ARG B 35 6.77 -19.53 -7.05
N ALA B 36 6.72 -18.66 -8.07
CA ALA B 36 6.63 -17.21 -7.83
C ALA B 36 5.19 -16.70 -7.96
N SER B 37 4.83 -15.79 -7.06
CA SER B 37 3.44 -15.35 -6.91
C SER B 37 3.44 -13.86 -6.72
N LEU B 38 2.26 -13.23 -6.84
CA LEU B 38 2.09 -11.83 -6.45
C LEU B 38 0.74 -11.63 -5.83
N TYR B 39 0.69 -10.92 -4.69
CA TYR B 39 -0.58 -10.73 -3.98
C TYR B 39 -1.02 -9.26 -3.87
N LYS B 40 -2.33 -9.02 -4.01
CA LYS B 40 -2.92 -7.74 -3.64
C LYS B 40 -3.27 -7.85 -2.19
N GLY B 41 -2.95 -6.79 -1.44
CA GLY B 41 -3.59 -6.58 -0.17
C GLY B 41 -2.59 -6.27 0.91
N VAL B 42 -3.02 -5.42 1.84
CA VAL B 42 -2.31 -5.18 3.08
C VAL B 42 -2.28 -6.52 3.82
N ASP B 43 -3.45 -7.18 3.82
CA ASP B 43 -3.63 -8.57 4.25
C ASP B 43 -2.73 -9.57 3.50
N SER B 44 -2.41 -9.24 2.24
CA SER B 44 -1.78 -10.16 1.27
C SER B 44 -2.60 -11.43 1.06
N ALA B 45 -3.89 -11.27 0.79
CA ALA B 45 -4.78 -12.40 0.75
C ALA B 45 -5.58 -12.40 -0.52
N VAL B 46 -4.92 -12.05 -1.63
CA VAL B 46 -5.41 -12.37 -2.99
C VAL B 46 -4.25 -12.55 -3.97
N GLU B 47 -4.06 -13.78 -4.45
CA GLU B 47 -2.97 -14.09 -5.38
C GLU B 47 -3.35 -13.60 -6.77
N VAL B 48 -2.54 -12.71 -7.32
CA VAL B 48 -2.87 -12.11 -8.58
C VAL B 48 -2.24 -12.87 -9.76
N CYS B 49 -0.99 -13.31 -9.63
CA CYS B 49 -0.46 -14.38 -10.47
C CYS B 49 0.35 -15.42 -9.72
N VAL B 50 0.20 -16.66 -10.15
CA VAL B 50 1.21 -17.63 -9.89
C VAL B 50 1.97 -17.80 -11.17
N VAL B 51 3.27 -17.99 -11.05
CA VAL B 51 4.03 -18.72 -12.06
C VAL B 51 4.91 -19.76 -11.38
N ASN B 52 4.78 -21.02 -11.82
CA ASN B 52 5.54 -22.06 -11.16
C ASN B 52 5.81 -23.30 -12.02
N GLY B 53 6.88 -23.98 -11.67
CA GLY B 53 7.55 -24.95 -12.54
C GLY B 53 9.07 -24.84 -12.47
N ASN B 54 9.72 -25.55 -13.38
CA ASN B 54 11.18 -25.56 -13.50
C ASN B 54 11.68 -24.48 -14.47
N TYR B 55 12.81 -23.84 -14.12
CA TYR B 55 13.19 -22.56 -14.76
C TYR B 55 13.94 -22.79 -16.04
N SER B 56 13.53 -23.86 -16.72
CA SER B 56 14.42 -24.69 -17.56
C SER B 56 13.56 -24.78 -18.78
N HIS B 57 12.27 -25.00 -18.50
CA HIS B 57 11.14 -25.07 -19.42
C HIS B 57 10.12 -23.95 -19.24
N GLN B 58 10.53 -22.72 -18.95
CA GLN B 58 9.65 -21.53 -19.14
C GLN B 58 8.17 -21.70 -18.80
N PRO B 59 7.82 -21.68 -17.52
CA PRO B 59 6.51 -22.09 -17.12
C PRO B 59 5.60 -20.89 -16.97
N GLN B 60 4.81 -20.63 -18.00
CA GLN B 60 3.43 -20.10 -17.91
C GLN B 60 2.94 -19.42 -16.61
N PHE B 61 2.63 -18.11 -16.75
CA PHE B 61 1.97 -17.32 -15.71
C PHE B 61 0.46 -17.43 -15.90
N TYR B 62 -0.30 -17.18 -14.83
CA TYR B 62 -1.76 -17.28 -14.87
C TYR B 62 -2.39 -16.64 -13.62
N SER B 63 -3.72 -16.56 -13.58
CA SER B 63 -4.43 -15.95 -12.45
C SER B 63 -5.78 -16.65 -12.15
N SER B 64 -5.84 -17.34 -11.02
CA SER B 64 -7.12 -17.82 -10.53
C SER B 64 -8.00 -16.62 -10.14
N THR B 65 -7.37 -15.57 -9.60
CA THR B 65 -8.10 -14.52 -8.91
C THR B 65 -8.79 -13.58 -9.91
N GLY B 66 -8.39 -13.65 -11.18
CA GLY B 66 -9.14 -13.04 -12.28
C GLY B 66 -8.51 -11.79 -12.85
N PHE B 67 -7.23 -11.87 -13.21
CA PHE B 67 -6.54 -10.73 -13.78
C PHE B 67 -5.94 -11.14 -15.13
N ASP B 68 -5.83 -10.20 -16.06
CA ASP B 68 -5.10 -10.43 -17.32
C ASP B 68 -3.62 -10.23 -17.07
N CYS B 69 -2.86 -11.31 -17.15
CA CYS B 69 -1.58 -11.39 -16.45
C CYS B 69 -0.63 -12.31 -17.19
N ASP B 70 0.33 -11.74 -17.91
CA ASP B 70 1.45 -12.50 -18.45
C ASP B 70 2.64 -12.25 -17.55
N GLY B 71 3.85 -12.44 -18.04
CA GLY B 71 5.02 -12.48 -17.16
C GLY B 71 6.22 -13.07 -17.86
N LYS B 72 7.42 -12.76 -17.38
CA LYS B 72 8.65 -13.32 -17.96
C LYS B 72 9.66 -13.49 -16.84
N LEU B 73 10.28 -14.67 -16.76
CA LEU B 73 11.17 -15.03 -15.64
C LEU B 73 12.63 -14.90 -16.12
N GLY B 74 13.53 -14.58 -15.20
CA GLY B 74 14.96 -14.47 -15.51
C GLY B 74 15.85 -14.82 -14.33
N ASN B 75 17.13 -15.03 -14.58
CA ASN B 75 17.98 -15.57 -13.53
C ASN B 75 17.57 -15.07 -12.12
N GLU B 76 17.60 -13.76 -11.91
CA GLU B 76 17.35 -13.20 -10.60
C GLU B 76 16.08 -12.34 -10.51
N THR B 77 15.42 -12.17 -11.66
CA THR B 77 14.25 -11.31 -11.76
C THR B 77 12.98 -12.10 -12.10
N VAL B 78 11.86 -11.60 -11.61
CA VAL B 78 10.54 -12.05 -12.06
C VAL B 78 9.67 -10.83 -12.37
N THR B 79 9.36 -10.62 -13.64
CA THR B 79 8.58 -9.48 -14.07
C THR B 79 7.15 -9.89 -14.36
N PHE B 80 6.22 -9.39 -13.56
CA PHE B 80 4.82 -9.56 -13.90
C PHE B 80 4.29 -8.51 -14.87
N TYR B 81 3.28 -8.90 -15.64
CA TYR B 81 2.63 -7.99 -16.55
C TYR B 81 1.13 -8.08 -16.37
N LEU B 82 0.57 -7.02 -15.82
CA LEU B 82 -0.86 -6.94 -15.60
C LEU B 82 -1.48 -5.98 -16.58
N ARG B 83 -2.49 -6.46 -17.29
CA ARG B 83 -3.26 -5.60 -18.14
C ARG B 83 -4.66 -5.42 -17.59
N ASN B 84 -5.36 -4.46 -18.15
CA ASN B 84 -6.76 -4.25 -17.90
C ASN B 84 -7.11 -3.94 -16.43
N LEU B 85 -6.21 -3.26 -15.73
CA LEU B 85 -6.44 -2.93 -14.32
C LEU B 85 -7.43 -1.79 -14.16
N PHE B 86 -8.15 -1.79 -13.03
CA PHE B 86 -9.11 -0.73 -12.68
C PHE B 86 -8.60 0.22 -11.58
N VAL B 87 -9.10 1.45 -11.57
CA VAL B 87 -8.95 2.34 -10.40
C VAL B 87 -9.45 1.69 -9.10
N ASN B 88 -10.30 0.67 -9.19
CA ASN B 88 -10.84 0.00 -8.01
C ASN B 88 -9.80 -0.87 -7.41
N GLN B 89 -8.64 -0.95 -8.05
CA GLN B 89 -7.74 -2.08 -7.82
C GLN B 89 -6.35 -1.54 -7.57
N THR B 90 -6.28 -0.26 -7.24
CA THR B 90 -5.03 0.34 -6.81
C THR B 90 -4.90 0.00 -5.36
N ASP B 91 -3.94 -0.88 -5.07
CA ASP B 91 -3.51 -1.12 -3.70
C ASP B 91 -2.07 -1.56 -3.75
N ILE B 92 -1.69 -2.35 -2.74
CA ILE B 92 -0.30 -2.78 -2.62
C ILE B 92 -0.15 -4.18 -3.22
N TYR B 93 0.99 -4.42 -3.82
CA TYR B 93 1.24 -5.72 -4.36
C TYR B 93 2.57 -6.22 -3.87
N PHE B 94 2.57 -7.50 -3.53
CA PHE B 94 3.68 -8.15 -2.87
C PHE B 94 4.18 -9.29 -3.71
N CYS B 95 5.45 -9.17 -4.13
CA CYS B 95 6.16 -10.21 -4.82
C CYS B 95 6.64 -11.22 -3.81
N LYS B 96 6.63 -12.51 -4.18
CA LYS B 96 6.85 -13.62 -3.25
C LYS B 96 7.30 -14.90 -3.97
N ILE B 97 8.48 -15.46 -3.63
CA ILE B 97 8.92 -16.79 -4.16
C ILE B 97 8.96 -17.89 -3.08
N GLU B 98 8.58 -19.11 -3.49
CA GLU B 98 9.01 -20.36 -2.84
C GLU B 98 9.85 -21.16 -3.84
N VAL B 99 10.98 -21.72 -3.41
CA VAL B 99 11.75 -22.64 -4.26
C VAL B 99 11.74 -24.07 -3.74
N MET B 100 11.30 -24.99 -4.58
CA MET B 100 10.97 -26.34 -4.12
C MET B 100 12.19 -27.24 -4.27
N TYR B 101 12.77 -27.22 -5.47
CA TYR B 101 13.88 -28.10 -5.78
C TYR B 101 14.96 -27.31 -6.48
N PRO B 102 16.22 -27.62 -6.20
CA PRO B 102 16.59 -28.68 -5.27
C PRO B 102 16.66 -28.15 -3.83
N PRO B 103 16.31 -28.99 -2.83
CA PRO B 103 16.24 -28.53 -1.46
C PRO B 103 17.57 -27.94 -1.03
N PRO B 104 17.61 -27.24 0.11
CA PRO B 104 16.48 -27.17 1.04
C PRO B 104 15.44 -26.16 0.58
N TYR B 105 14.19 -26.38 0.96
CA TYR B 105 13.08 -25.59 0.44
C TYR B 105 12.95 -24.30 1.22
N ILE B 106 12.88 -23.18 0.51
CA ILE B 106 12.86 -21.86 1.15
C ILE B 106 11.94 -20.90 0.44
N GLY B 107 11.38 -19.98 1.20
CA GLY B 107 10.62 -18.85 0.66
C GLY B 107 11.45 -17.57 0.73
N ASN B 108 10.77 -16.43 0.79
CA ASN B 108 11.45 -15.13 0.79
C ASN B 108 11.03 -14.33 1.99
N GLU B 109 11.92 -13.49 2.50
CA GLU B 109 11.57 -12.55 3.59
C GLU B 109 10.69 -11.44 3.03
N LYS B 110 9.62 -11.10 3.76
CA LYS B 110 8.45 -10.45 3.16
C LYS B 110 8.83 -9.13 2.52
N SER B 111 8.36 -8.90 1.31
CA SER B 111 8.73 -7.67 0.61
C SER B 111 8.08 -6.47 1.25
N ASN B 112 8.70 -5.31 1.10
CA ASN B 112 7.98 -4.07 1.31
C ASN B 112 6.69 -3.89 0.47
N GLY B 113 6.63 -4.45 -0.72
CA GLY B 113 5.47 -4.21 -1.55
C GLY B 113 5.70 -3.00 -2.42
N THR B 114 4.85 -2.86 -3.44
CA THR B 114 4.70 -1.65 -4.25
C THR B 114 3.25 -1.16 -4.08
N ILE B 115 3.03 0.17 -3.99
CA ILE B 115 1.71 0.76 -4.24
C ILE B 115 1.59 0.94 -5.75
N ILE B 116 0.84 0.03 -6.41
CA ILE B 116 0.25 0.29 -7.75
C ILE B 116 -0.96 1.21 -7.57
N HIS B 117 -0.86 2.35 -8.26
CA HIS B 117 -1.86 3.42 -8.24
C HIS B 117 -2.39 3.63 -9.65
N VAL B 118 -3.65 3.29 -9.85
CA VAL B 118 -4.22 3.20 -11.17
C VAL B 118 -5.26 4.32 -11.34
N LYS B 119 -5.13 5.08 -12.43
CA LYS B 119 -5.74 6.41 -12.52
C LYS B 119 -6.13 6.75 -13.96
N LYS C 3 4.62 -7.56 22.75
CA LYS C 3 4.32 -6.22 22.21
C LYS C 3 2.81 -5.98 22.23
N ILE C 4 2.38 -4.87 21.62
CA ILE C 4 0.95 -4.66 21.48
C ILE C 4 0.60 -4.47 20.03
N LEU C 5 -0.49 -5.14 19.64
CA LEU C 5 -0.90 -5.28 18.26
C LEU C 5 -1.83 -4.10 17.89
N VAL C 6 -1.63 -3.55 16.68
CA VAL C 6 -2.43 -2.45 16.17
C VAL C 6 -3.33 -2.96 15.09
N LYS C 7 -4.52 -2.39 14.98
CA LYS C 7 -5.48 -2.77 13.93
C LYS C 7 -5.98 -1.51 13.20
N GLN C 8 -5.71 -1.40 11.90
CA GLN C 8 -6.27 -0.32 11.07
C GLN C 8 -7.13 -0.85 9.94
N LEU C 9 -8.16 -0.09 9.57
CA LEU C 9 -8.99 -0.47 8.41
C LEU C 9 -8.05 -0.63 7.19
N PRO C 10 -8.37 -1.58 6.30
CA PRO C 10 -7.37 -2.02 5.36
C PRO C 10 -7.27 -1.10 4.18
N ARG C 11 -8.36 -0.41 3.85
CA ARG C 11 -8.33 0.63 2.81
C ARG C 11 -9.37 1.69 3.12
N LEU C 12 -8.91 2.95 3.09
CA LEU C 12 -9.79 4.10 2.97
C LEU C 12 -9.71 4.68 1.59
N VAL C 13 -10.85 5.12 1.10
CA VAL C 13 -10.87 5.85 -0.15
C VAL C 13 -11.52 7.21 0.06
N VAL C 14 -10.77 8.25 -0.26
CA VAL C 14 -11.10 9.59 0.15
C VAL C 14 -11.53 10.43 -1.08
N TYR C 15 -12.68 11.08 -0.96
CA TYR C 15 -13.11 12.11 -1.89
C TYR C 15 -12.99 13.56 -1.36
N ASN C 16 -13.18 13.74 -0.05
CA ASN C 16 -13.06 15.05 0.58
C ASN C 16 -11.70 15.72 0.41
N ASN C 17 -10.68 14.94 0.08
CA ASN C 17 -9.27 15.26 0.41
C ASN C 17 -8.98 15.30 1.91
N GLU C 18 -9.84 14.64 2.69
CA GLU C 18 -9.93 14.85 4.13
C GLU C 18 -10.39 13.55 4.81
N VAL C 19 -9.57 13.00 5.70
CA VAL C 19 -9.81 11.67 6.27
C VAL C 19 -9.59 11.56 7.78
N ASN C 20 -10.17 10.53 8.37
CA ASN C 20 -10.00 10.23 9.78
C ASN C 20 -9.81 8.73 9.92
N LEU C 21 -8.82 8.36 10.73
CA LEU C 21 -8.16 7.08 10.65
C LEU C 21 -7.76 6.66 12.05
N SER C 22 -8.62 5.91 12.71
CA SER C 22 -8.37 5.55 14.08
C SER C 22 -7.52 4.30 14.07
N CYS C 23 -6.50 4.25 14.92
CA CYS C 23 -5.66 3.08 15.06
C CYS C 23 -5.94 2.43 16.39
N LYS C 24 -6.72 1.33 16.37
CA LYS C 24 -7.16 0.65 17.58
C LYS C 24 -6.02 -0.24 18.10
N TYR C 25 -5.61 -0.01 19.35
CA TYR C 25 -4.53 -0.78 19.98
C TYR C 25 -5.08 -1.79 20.96
N THR C 26 -4.21 -2.66 21.45
CA THR C 26 -4.57 -3.58 22.51
C THR C 26 -3.80 -3.24 23.77
N TYR C 27 -4.18 -2.12 24.38
CA TYR C 27 -3.38 -1.46 25.41
C TYR C 27 -4.14 -0.23 25.81
N ASN C 28 -4.46 -0.04 27.09
CA ASN C 28 -5.06 1.24 27.56
C ASN C 28 -3.98 2.24 27.82
N LEU C 29 -3.97 3.27 27.00
CA LEU C 29 -2.97 4.29 27.05
C LEU C 29 -3.30 5.22 28.24
N PHE C 30 -4.16 4.72 29.11
CA PHE C 30 -4.60 5.51 30.24
C PHE C 30 -3.45 5.71 31.20
N SER C 31 -3.33 6.92 31.71
CA SER C 31 -2.24 7.29 32.60
C SER C 31 -0.91 6.67 32.10
N LYS C 32 -0.59 6.89 30.83
CA LYS C 32 0.67 6.42 30.27
C LYS C 32 1.39 7.51 29.48
N GLU C 33 2.70 7.63 29.66
CA GLU C 33 3.50 8.51 28.84
C GLU C 33 3.95 7.74 27.60
N PHE C 34 3.67 8.28 26.41
CA PHE C 34 3.94 7.57 25.16
C PHE C 34 4.22 8.48 23.96
N ARG C 35 4.49 7.86 22.82
CA ARG C 35 4.63 8.56 21.55
C ARG C 35 3.89 7.83 20.42
N ALA C 36 2.73 8.36 20.06
CA ALA C 36 1.96 7.82 18.94
C ALA C 36 2.27 8.55 17.63
N SER C 37 2.32 7.76 16.55
CA SER C 37 2.91 8.21 15.31
C SER C 37 2.17 7.61 14.11
N LEU C 38 2.36 8.22 12.95
CA LEU C 38 1.79 7.71 11.69
C LEU C 38 2.70 8.00 10.54
N TYR C 39 3.05 6.96 9.77
CA TYR C 39 4.02 7.11 8.67
C TYR C 39 3.41 6.76 7.31
N LYS C 40 3.76 7.57 6.30
CA LYS C 40 3.52 7.23 4.90
C LYS C 40 4.69 6.36 4.49
N GLY C 41 4.39 5.32 3.72
CA GLY C 41 5.40 4.74 2.86
C GLY C 41 5.47 3.26 3.04
N VAL C 42 5.74 2.59 1.93
CA VAL C 42 6.10 1.18 1.90
C VAL C 42 7.37 1.01 2.74
N ASP C 43 8.34 1.90 2.52
CA ASP C 43 9.54 2.02 3.33
C ASP C 43 9.22 2.34 4.78
N SER C 44 8.12 3.06 5.01
CA SER C 44 7.73 3.64 6.32
C SER C 44 8.69 4.74 6.78
N ALA C 45 9.05 5.64 5.87
CA ALA C 45 10.10 6.59 6.15
C ALA C 45 9.66 8.04 5.93
N VAL C 46 8.40 8.33 6.28
CA VAL C 46 7.92 9.72 6.40
C VAL C 46 6.83 9.81 7.45
N GLU C 47 7.15 10.47 8.55
CA GLU C 47 6.26 10.54 9.69
C GLU C 47 5.27 11.65 9.40
N VAL C 48 4.02 11.26 9.14
CA VAL C 48 2.97 12.22 8.81
C VAL C 48 2.46 12.99 10.04
N CYS C 49 2.42 12.32 11.19
CA CYS C 49 1.91 12.92 12.40
C CYS C 49 2.47 12.25 13.66
N VAL C 50 2.68 13.06 14.67
CA VAL C 50 3.19 12.60 15.95
C VAL C 50 2.30 13.17 17.02
N VAL C 51 1.76 12.31 17.89
CA VAL C 51 1.13 12.75 19.16
C VAL C 51 1.88 12.14 20.32
N ASN C 52 2.36 13.00 21.21
CA ASN C 52 3.46 12.64 22.08
C ASN C 52 3.34 13.26 23.47
N GLY C 53 3.18 12.43 24.50
CA GLY C 53 3.12 12.93 25.87
C GLY C 53 2.34 12.04 26.82
N ASN C 54 1.95 12.63 27.95
CA ASN C 54 1.22 11.94 29.00
C ASN C 54 -0.27 11.99 28.75
N TYR C 55 -0.91 10.82 28.78
CA TYR C 55 -2.29 10.69 28.35
C TYR C 55 -3.12 11.48 29.32
N SER C 56 -2.56 11.62 30.52
CA SER C 56 -3.22 12.21 31.69
C SER C 56 -3.69 13.60 31.34
N HIS C 57 -2.80 14.40 30.75
CA HIS C 57 -3.09 15.66 30.03
C HIS C 57 -2.99 15.48 28.51
N GLN C 58 -3.69 16.30 27.76
CA GLN C 58 -4.24 15.86 26.48
C GLN C 58 -3.35 16.34 25.28
N PRO C 59 -2.33 15.55 24.90
CA PRO C 59 -1.22 16.19 24.25
C PRO C 59 -1.48 16.36 22.80
N GLN C 60 -1.00 17.47 22.24
CA GLN C 60 -1.32 17.91 20.87
C GLN C 60 -0.70 17.08 19.76
N PHE C 61 -1.43 16.93 18.65
CA PHE C 61 -0.95 16.28 17.43
C PHE C 61 -0.34 17.32 16.52
N TYR C 62 0.72 16.97 15.81
CA TYR C 62 1.41 17.91 14.92
C TYR C 62 2.20 17.18 13.83
N SER C 63 2.68 17.91 12.82
CA SER C 63 3.40 17.31 11.66
C SER C 63 4.63 18.10 11.18
N SER C 64 5.82 17.65 11.53
CA SER C 64 7.02 18.18 10.91
C SER C 64 7.02 17.95 9.39
N THR C 65 6.44 16.82 8.96
CA THR C 65 6.53 16.37 7.58
C THR C 65 5.71 17.26 6.66
N GLY C 66 4.71 17.95 7.22
CA GLY C 66 4.00 19.02 6.53
C GLY C 66 2.60 18.62 6.11
N PHE C 67 1.87 17.96 7.00
CA PHE C 67 0.46 17.64 6.77
C PHE C 67 -0.41 18.44 7.73
N ASP C 68 -1.59 18.88 7.28
CA ASP C 68 -2.60 19.45 8.16
C ASP C 68 -3.23 18.31 8.94
N CYS C 69 -2.97 18.25 10.24
CA CYS C 69 -3.10 17.02 11.02
C CYS C 69 -3.51 17.31 12.44
N ASP C 70 -4.78 17.10 12.77
CA ASP C 70 -5.24 17.06 14.17
C ASP C 70 -5.36 15.60 14.56
N GLY C 71 -6.13 15.30 15.60
CA GLY C 71 -6.19 13.95 16.12
C GLY C 71 -6.82 13.96 17.49
N LYS C 72 -7.23 12.79 17.98
CA LYS C 72 -7.79 12.70 19.33
C LYS C 72 -7.40 11.36 19.95
N LEU C 73 -6.89 11.41 21.19
CA LEU C 73 -6.44 10.21 21.91
C LEU C 73 -7.58 9.65 22.78
N GLY C 74 -7.64 8.33 22.90
CA GLY C 74 -8.61 7.69 23.77
C GLY C 74 -8.06 6.40 24.30
N ASN C 75 -8.74 5.80 25.27
CA ASN C 75 -8.11 4.73 25.99
C ASN C 75 -7.27 3.83 25.07
N GLU C 76 -7.88 3.14 24.12
CA GLU C 76 -7.09 2.27 23.25
C GLU C 76 -7.26 2.47 21.73
N THR C 77 -8.01 3.47 21.31
CA THR C 77 -7.87 3.99 19.94
C THR C 77 -6.99 5.27 19.88
N VAL C 78 -6.51 5.57 18.69
CA VAL C 78 -5.84 6.84 18.42
C VAL C 78 -6.24 7.27 17.01
N THR C 79 -7.05 8.30 16.95
CA THR C 79 -7.65 8.71 15.70
C THR C 79 -6.89 9.88 15.11
N PHE C 80 -6.24 9.66 13.97
CA PHE C 80 -5.62 10.74 13.23
C PHE C 80 -6.59 11.41 12.30
N TYR C 81 -6.54 12.74 12.24
CA TYR C 81 -7.38 13.49 11.30
C TYR C 81 -6.52 14.32 10.39
N LEU C 82 -6.44 13.86 9.14
CA LEU C 82 -5.68 14.50 8.10
C LEU C 82 -6.60 15.28 7.18
N ARG C 83 -6.26 16.53 6.93
CA ARG C 83 -7.00 17.34 6.02
C ARG C 83 -6.10 17.82 4.91
N ASN C 84 -6.72 18.33 3.87
CA ASN C 84 -6.02 18.88 2.73
C ASN C 84 -5.05 17.90 2.02
N LEU C 85 -5.39 16.62 2.01
CA LEU C 85 -4.57 15.62 1.31
C LEU C 85 -4.76 15.66 -0.20
N PHE C 86 -3.75 15.19 -0.93
CA PHE C 86 -3.71 15.29 -2.40
C PHE C 86 -3.75 13.95 -3.12
N VAL C 87 -4.33 13.90 -4.32
CA VAL C 87 -4.41 12.64 -5.09
C VAL C 87 -3.03 12.02 -5.22
N ASN C 88 -2.15 12.83 -5.32
CA ASN C 88 -0.78 12.38 -5.46
C ASN C 88 -0.15 11.89 -4.15
N GLN C 89 -0.89 11.74 -3.17
CA GLN C 89 -0.40 11.41 -1.84
C GLN C 89 -0.99 10.08 -1.34
N THR C 90 -1.76 9.43 -2.23
CA THR C 90 -2.17 8.04 -2.07
C THR C 90 -0.95 7.22 -1.80
N ASP C 91 -0.81 6.70 -0.58
CA ASP C 91 0.01 5.52 -0.33
C ASP C 91 -0.48 4.79 0.89
N ILE C 92 0.42 4.03 1.48
CA ILE C 92 0.09 3.28 2.67
C ILE C 92 0.47 4.11 3.87
N TYR C 93 -0.34 4.02 4.90
CA TYR C 93 0.02 4.66 6.14
C TYR C 93 -0.06 3.67 7.29
N PHE C 94 0.90 3.83 8.20
CA PHE C 94 1.15 2.90 9.27
C PHE C 94 1.03 3.59 10.60
N CYS C 95 0.11 3.08 11.42
CA CYS C 95 -0.04 3.49 12.79
C CYS C 95 0.95 2.77 13.65
N LYS C 96 1.60 3.53 14.56
CA LYS C 96 2.81 3.11 15.30
C LYS C 96 2.90 3.83 16.66
N ILE C 97 3.11 3.05 17.73
CA ILE C 97 3.11 3.58 19.11
C ILE C 97 4.31 3.12 19.97
N GLU C 98 5.03 4.09 20.56
CA GLU C 98 6.01 3.79 21.62
C GLU C 98 5.45 4.25 22.97
N VAL C 99 5.71 3.46 24.01
CA VAL C 99 5.20 3.74 25.35
C VAL C 99 6.35 3.85 26.34
N MET C 100 6.59 5.06 26.84
CA MET C 100 7.79 5.33 27.60
C MET C 100 7.63 4.94 29.05
N TYR C 101 6.67 5.56 29.72
CA TYR C 101 6.50 5.38 31.15
C TYR C 101 5.04 5.14 31.46
N PRO C 102 4.78 4.26 32.42
CA PRO C 102 5.81 3.68 33.24
C PRO C 102 6.40 2.41 32.59
N PRO C 103 7.70 2.13 32.85
CA PRO C 103 8.38 1.00 32.22
C PRO C 103 7.62 -0.29 32.51
N PRO C 104 7.96 -1.38 31.82
CA PRO C 104 9.05 -1.40 30.83
C PRO C 104 8.63 -0.84 29.49
N TYR C 105 9.58 -0.27 28.75
CA TYR C 105 9.25 0.52 27.56
C TYR C 105 9.07 -0.40 26.35
N ILE C 106 7.99 -0.19 25.59
CA ILE C 106 7.64 -1.09 24.49
C ILE C 106 7.10 -0.32 23.29
N GLY C 107 6.96 -0.99 22.15
CA GLY C 107 6.30 -0.41 20.97
C GLY C 107 5.26 -1.31 20.28
N ASN C 108 4.98 -1.01 19.00
CA ASN C 108 3.99 -1.74 18.17
C ASN C 108 4.65 -2.83 17.34
N GLU C 109 4.07 -4.05 17.32
CA GLU C 109 4.33 -5.01 16.24
C GLU C 109 3.65 -4.52 14.94
N LYS C 110 4.42 -4.51 13.85
CA LYS C 110 4.18 -3.59 12.74
C LYS C 110 2.83 -3.85 12.10
N SER C 111 2.08 -2.79 11.84
CA SER C 111 0.69 -2.92 11.40
C SER C 111 0.63 -3.30 9.93
N ASN C 112 -0.43 -3.98 9.52
CA ASN C 112 -0.69 -4.10 8.08
C ASN C 112 -0.79 -2.76 7.34
N GLY C 113 -1.05 -1.68 8.04
CA GLY C 113 -1.19 -0.43 7.36
C GLY C 113 -2.57 -0.26 6.77
N THR C 114 -2.72 0.84 6.04
CA THR C 114 -3.94 1.18 5.36
C THR C 114 -3.56 1.79 4.02
N ILE C 115 -4.22 1.36 2.94
CA ILE C 115 -4.17 2.11 1.69
C ILE C 115 -5.22 3.20 1.85
N ILE C 116 -4.74 4.40 2.20
CA ILE C 116 -5.42 5.65 1.93
C ILE C 116 -5.33 5.94 0.44
N HIS C 117 -6.50 6.05 -0.20
CA HIS C 117 -6.60 6.22 -1.65
C HIS C 117 -7.31 7.54 -1.95
N VAL C 118 -6.53 8.59 -2.21
CA VAL C 118 -7.06 9.94 -2.37
C VAL C 118 -7.41 10.12 -3.85
N LYS C 119 -8.62 10.60 -4.12
CA LYS C 119 -9.14 10.61 -5.47
C LYS C 119 -9.77 11.96 -5.84
N SER C 120 -9.36 12.51 -6.99
CA SER C 120 -10.22 13.36 -7.83
C SER C 120 -9.45 14.58 -8.39
N GLN D 2 8.00 21.88 39.12
CA GLN D 2 6.54 22.11 38.99
C GLN D 2 6.21 22.81 37.67
N ILE D 3 5.47 22.09 36.82
CA ILE D 3 4.77 22.68 35.70
C ILE D 3 4.09 23.97 36.20
N GLN D 4 4.26 25.06 35.46
CA GLN D 4 3.61 26.31 35.82
C GLN D 4 3.65 27.36 34.68
N LEU D 5 2.46 27.89 34.35
CA LEU D 5 2.33 29.02 33.42
C LEU D 5 2.35 30.35 34.16
N VAL D 6 2.96 31.37 33.57
CA VAL D 6 2.95 32.70 34.20
C VAL D 6 2.87 33.81 33.17
N GLN D 7 1.90 34.68 33.37
CA GLN D 7 1.49 35.58 32.33
C GLN D 7 2.01 36.95 32.63
N SER D 8 1.90 37.81 31.62
CA SER D 8 2.23 39.23 31.73
C SER D 8 1.36 39.89 32.77
N GLY D 9 1.78 41.07 33.20
CA GLY D 9 1.10 41.78 34.27
C GLY D 9 -0.12 42.54 33.79
N PRO D 10 -0.69 43.35 34.67
CA PRO D 10 -1.98 43.95 34.38
C PRO D 10 -1.82 45.01 33.32
N GLU D 11 -2.90 45.32 32.62
CA GLU D 11 -2.86 46.32 31.55
C GLU D 11 -3.92 47.40 31.77
N LEU D 12 -3.51 48.66 31.69
CA LEU D 12 -4.44 49.78 31.47
C LEU D 12 -4.22 50.35 30.08
N LYS D 13 -5.04 49.94 29.13
CA LYS D 13 -4.91 50.40 27.76
C LYS D 13 -6.20 51.02 27.28
N LYS D 14 -6.09 52.22 26.70
CA LYS D 14 -7.24 52.97 26.20
C LYS D 14 -7.49 52.58 24.74
N PRO D 15 -8.65 52.98 24.19
CA PRO D 15 -9.10 52.48 22.88
C PRO D 15 -8.13 52.73 21.73
N GLY D 16 -8.17 51.84 20.74
CA GLY D 16 -7.40 51.99 19.50
C GLY D 16 -5.91 51.79 19.69
N GLU D 17 -5.55 50.72 20.42
CA GLU D 17 -4.16 50.39 20.67
C GLU D 17 -3.93 48.88 20.51
N THR D 18 -2.71 48.52 20.13
CA THR D 18 -2.24 47.15 20.22
C THR D 18 -2.01 46.72 21.69
N VAL D 19 -1.99 45.42 21.92
CA VAL D 19 -1.47 44.85 23.17
C VAL D 19 -1.03 43.41 22.94
N LYS D 20 0.15 43.06 23.44
CA LYS D 20 0.55 41.65 23.54
C LYS D 20 0.58 41.23 25.00
N ILE D 21 0.16 40.00 25.24
CA ILE D 21 0.16 39.42 26.57
C ILE D 21 1.02 38.19 26.51
N SER D 22 1.99 38.10 27.42
CA SER D 22 2.86 36.94 27.47
C SER D 22 2.25 35.84 28.34
N CYS D 23 2.62 34.60 28.01
CA CYS D 23 2.38 33.47 28.90
C CYS D 23 3.54 32.49 28.82
N LYS D 24 4.33 32.39 29.89
CA LYS D 24 5.62 31.67 29.82
C LYS D 24 5.56 30.34 30.57
N ALA D 25 5.85 29.26 29.85
CA ALA D 25 5.61 27.93 30.36
C ALA D 25 6.90 27.23 30.80
N SER D 26 6.81 26.51 31.92
CA SER D 26 7.96 26.19 32.76
C SER D 26 7.69 24.87 33.43
N GLY D 27 8.57 23.90 33.23
CA GLY D 27 8.53 22.68 34.04
C GLY D 27 8.11 21.49 33.21
N TYR D 28 7.69 21.76 31.98
CA TYR D 28 7.29 20.69 31.07
C TYR D 28 7.80 20.91 29.66
N THR D 29 7.84 19.84 28.85
CA THR D 29 8.26 19.95 27.44
C THR D 29 7.23 20.76 26.61
N PHE D 30 7.57 21.97 26.26
CA PHE D 30 6.57 22.98 25.98
C PHE D 30 5.75 22.61 24.76
N THR D 31 6.42 22.19 23.70
CA THR D 31 5.78 21.99 22.39
C THR D 31 4.95 20.69 22.28
N ASN D 32 4.95 19.90 23.36
CA ASN D 32 4.26 18.62 23.38
C ASN D 32 2.74 18.82 23.75
N TYR D 33 2.42 20.01 24.21
CA TYR D 33 1.05 20.26 24.57
C TYR D 33 0.57 21.58 23.99
N GLY D 34 -0.71 21.64 23.68
CA GLY D 34 -1.27 22.87 23.14
C GLY D 34 -1.52 23.90 24.22
N MET D 35 -2.23 24.96 23.83
CA MET D 35 -2.23 26.24 24.53
C MET D 35 -3.46 27.01 24.10
N THR D 36 -4.43 27.08 24.99
CA THR D 36 -5.70 27.75 24.71
C THR D 36 -5.74 29.09 25.42
N TRP D 37 -6.52 30.03 24.90
CA TRP D 37 -6.73 31.33 25.55
C TRP D 37 -8.21 31.57 25.78
N VAL D 38 -8.53 32.27 26.86
CA VAL D 38 -9.87 32.23 27.44
C VAL D 38 -10.21 33.59 28.01
N LYS D 39 -11.25 34.24 27.51
CA LYS D 39 -11.66 35.54 28.06
C LYS D 39 -12.53 35.39 29.30
N GLN D 40 -12.43 36.37 30.20
CA GLN D 40 -13.41 36.51 31.25
C GLN D 40 -13.74 37.99 31.54
N ALA D 41 -14.74 38.47 30.81
CA ALA D 41 -15.47 39.68 31.15
C ALA D 41 -15.74 39.69 32.63
N PRO D 42 -15.96 40.89 33.19
CA PRO D 42 -15.76 41.05 34.62
C PRO D 42 -16.81 40.30 35.45
N ARG D 43 -18.07 40.63 35.30
CA ARG D 43 -19.05 39.96 36.12
C ARG D 43 -19.51 38.67 35.43
N LYS D 44 -19.23 38.56 34.14
CA LYS D 44 -19.63 37.37 33.40
C LYS D 44 -18.64 36.24 33.62
N GLY D 45 -18.88 35.10 32.98
CA GLY D 45 -18.02 33.91 33.17
C GLY D 45 -17.00 33.71 32.06
N LEU D 46 -16.74 32.45 31.73
CA LEU D 46 -15.58 32.07 30.91
C LEU D 46 -15.97 31.89 29.45
N LYS D 47 -15.09 32.29 28.55
CA LYS D 47 -15.29 32.08 27.11
C LYS D 47 -14.01 31.64 26.44
N TRP D 48 -14.12 30.59 25.64
CA TRP D 48 -13.00 30.00 24.94
C TRP D 48 -12.68 30.85 23.70
N MET D 49 -11.44 31.25 23.59
CA MET D 49 -11.06 32.11 22.50
C MET D 49 -10.58 31.25 21.37
N GLY D 50 -9.84 30.18 21.70
CA GLY D 50 -9.14 29.34 20.70
C GLY D 50 -7.92 28.60 21.28
N TRP D 51 -7.06 28.06 20.42
CA TRP D 51 -5.73 27.65 20.87
C TRP D 51 -4.66 27.77 19.75
N ILE D 52 -3.35 27.80 20.10
CA ILE D 52 -2.23 27.64 19.09
C ILE D 52 -1.52 26.31 19.27
N ASN D 53 -1.16 25.62 18.17
CA ASN D 53 -0.22 24.45 18.24
C ASN D 53 1.21 24.94 18.44
N THR D 54 1.71 24.68 19.66
CA THR D 54 3.03 25.05 20.07
C THR D 54 4.10 24.52 19.07
N TYR D 55 3.92 23.30 18.58
CA TYR D 55 4.83 22.78 17.57
C TYR D 55 4.61 23.49 16.24
N THR D 56 3.41 23.35 15.67
CA THR D 56 3.13 23.73 14.28
C THR D 56 3.01 25.22 14.07
N GLY D 57 2.58 25.95 15.11
CA GLY D 57 2.32 27.38 15.00
C GLY D 57 0.85 27.70 14.79
N ARG D 58 0.20 26.96 13.91
CA ARG D 58 -1.17 27.25 13.49
C ARG D 58 -2.11 27.58 14.68
N PRO D 59 -2.78 28.75 14.62
CA PRO D 59 -3.87 29.05 15.54
C PRO D 59 -5.25 28.78 14.94
N THR D 60 -6.17 28.29 15.78
CA THR D 60 -7.61 28.26 15.47
C THR D 60 -8.30 29.26 16.39
N TYR D 61 -9.19 30.07 15.84
CA TYR D 61 -9.87 31.10 16.62
C TYR D 61 -11.34 30.80 16.79
N ALA D 62 -11.88 31.09 17.97
CA ALA D 62 -13.31 30.94 18.19
C ALA D 62 -14.07 31.96 17.36
N ASP D 63 -15.36 31.73 17.20
CA ASP D 63 -16.20 32.51 16.31
C ASP D 63 -15.99 34.01 16.54
N ASP D 64 -16.48 34.48 17.68
CA ASP D 64 -16.53 35.91 17.94
C ASP D 64 -15.14 36.55 17.80
N PHE D 65 -14.11 35.85 18.27
CA PHE D 65 -12.77 36.45 18.39
C PHE D 65 -11.97 36.57 17.09
N LYS D 66 -12.24 35.72 16.11
CA LYS D 66 -11.32 35.63 14.97
C LYS D 66 -11.26 36.99 14.30
N GLY D 67 -10.15 37.70 14.45
CA GLY D 67 -9.98 39.01 13.81
C GLY D 67 -9.86 40.12 14.83
N ARG D 68 -8.70 40.77 14.84
CA ARG D 68 -8.28 41.65 15.94
C ARG D 68 -7.52 40.89 17.03
N PHE D 69 -7.39 39.59 16.88
CA PHE D 69 -6.72 38.76 17.87
C PHE D 69 -5.62 37.95 17.26
N ALA D 70 -4.52 37.85 17.97
CA ALA D 70 -3.30 37.33 17.40
C ALA D 70 -2.61 36.49 18.42
N PHE D 71 -2.67 35.19 18.18
CA PHE D 71 -1.89 34.23 18.93
C PHE D 71 -0.62 33.89 18.11
N SER D 72 0.41 33.45 18.82
CA SER D 72 1.79 33.45 18.32
C SER D 72 2.73 32.99 19.43
N LEU D 73 3.91 32.52 19.06
CA LEU D 73 4.79 31.81 19.99
C LEU D 73 6.27 32.15 19.73
N GLU D 74 7.06 32.39 20.79
CA GLU D 74 8.51 32.05 20.76
C GLU D 74 8.76 30.75 21.52
N THR D 75 8.95 29.67 20.76
CA THR D 75 9.03 28.32 21.30
C THR D 75 10.31 27.99 22.06
N SER D 76 11.44 28.51 21.58
CA SER D 76 12.72 28.35 22.25
C SER D 76 12.72 28.95 23.66
N ALA D 77 11.93 30.00 23.85
CA ALA D 77 11.78 30.60 25.17
C ALA D 77 10.41 30.29 25.75
N SER D 78 9.80 29.19 25.31
CA SER D 78 8.75 28.49 26.08
C SER D 78 7.48 29.33 26.33
N THR D 79 7.25 30.39 25.55
CA THR D 79 6.26 31.41 25.89
C THR D 79 5.29 31.66 24.77
N ALA D 80 4.05 31.93 25.16
CA ALA D 80 2.95 32.18 24.23
C ALA D 80 2.39 33.59 24.40
N TYR D 81 1.95 34.15 23.26
CA TYR D 81 1.52 35.54 23.18
C TYR D 81 0.11 35.63 22.65
N LEU D 82 -0.68 36.49 23.29
CA LEU D 82 -1.98 36.89 22.78
C LEU D 82 -1.94 38.35 22.46
N GLN D 83 -2.19 38.74 21.22
CA GLN D 83 -2.27 40.18 20.92
C GLN D 83 -3.65 40.53 20.44
N ILE D 84 -4.09 41.74 20.83
CA ILE D 84 -5.47 42.24 20.62
C ILE D 84 -5.29 43.63 20.00
N ASN D 85 -5.92 43.87 18.84
CA ASN D 85 -5.71 45.12 18.09
C ASN D 85 -7.00 45.97 17.95
N ASN D 86 -6.81 47.25 17.60
CA ASN D 86 -7.90 48.23 17.50
C ASN D 86 -8.86 48.18 18.67
N LEU D 87 -8.31 48.02 19.87
CA LEU D 87 -9.08 47.54 21.03
C LEU D 87 -10.32 48.40 21.33
N LYS D 88 -11.36 47.74 21.83
CA LYS D 88 -12.67 48.31 22.04
C LYS D 88 -13.12 47.98 23.49
N HIS D 89 -13.84 48.89 24.13
CA HIS D 89 -14.23 48.73 25.56
C HIS D 89 -14.71 47.30 25.91
N GLU D 90 -15.50 46.67 25.03
CA GLU D 90 -15.92 45.27 25.20
C GLU D 90 -14.76 44.43 25.69
N ASP D 91 -13.58 44.67 25.10
CA ASP D 91 -12.41 43.81 25.29
C ASP D 91 -11.77 43.94 26.69
N THR D 92 -12.34 44.78 27.56
CA THR D 92 -11.93 44.82 28.98
C THR D 92 -12.32 43.49 29.64
N ALA D 93 -11.31 42.66 29.94
CA ALA D 93 -11.50 41.41 30.66
C ALA D 93 -10.21 41.00 31.36
N THR D 94 -10.30 40.00 32.22
CA THR D 94 -9.14 39.22 32.62
C THR D 94 -8.93 38.15 31.54
N TYR D 95 -7.68 37.81 31.26
CA TYR D 95 -7.37 36.90 30.16
C TYR D 95 -6.38 35.81 30.57
N PHE D 96 -6.83 34.58 30.43
CA PHE D 96 -6.12 33.44 30.92
C PHE D 96 -5.50 32.63 29.80
N CYS D 97 -4.18 32.48 29.82
CA CYS D 97 -3.52 31.41 29.08
C CYS D 97 -3.62 30.13 29.89
N ALA D 98 -3.74 29.01 29.19
CA ALA D 98 -3.96 27.70 29.80
C ALA D 98 -3.52 26.61 28.85
N SER D 99 -2.87 25.58 29.39
CA SER D 99 -2.40 24.45 28.59
C SER D 99 -2.43 23.16 29.39
N LEU D 100 -1.64 22.21 28.94
CA LEU D 100 -1.54 20.90 29.59
C LEU D 100 -2.97 20.36 29.84
N GLY D 101 -3.72 20.24 28.76
CA GLY D 101 -5.05 19.65 28.83
C GLY D 101 -6.02 20.46 29.67
N GLU D 102 -5.81 21.77 29.67
CA GLU D 102 -6.60 22.64 30.52
C GLU D 102 -6.39 22.31 32.01
N ASP D 103 -5.27 21.69 32.35
CA ASP D 103 -5.02 21.28 33.74
C ASP D 103 -4.29 22.38 34.45
N PHE D 104 -3.43 23.05 33.71
CA PHE D 104 -2.70 24.17 34.25
C PHE D 104 -3.13 25.48 33.61
N TRP D 105 -3.57 26.41 34.46
CA TRP D 105 -3.99 27.73 34.04
C TRP D 105 -3.03 28.81 34.54
N GLY D 106 -2.95 29.91 33.80
CA GLY D 106 -2.19 31.07 34.25
C GLY D 106 -2.81 31.89 35.36
N GLN D 107 -2.01 32.77 35.94
CA GLN D 107 -2.49 33.66 37.00
C GLN D 107 -3.54 34.61 36.46
N GLY D 108 -3.59 34.78 35.15
CA GLY D 108 -4.56 35.65 34.54
C GLY D 108 -3.89 36.97 34.25
N THR D 109 -4.58 37.83 33.51
CA THR D 109 -4.00 39.06 32.99
C THR D 109 -5.11 40.07 32.68
N THR D 110 -5.28 41.05 33.57
CA THR D 110 -6.48 41.86 33.55
C THR D 110 -6.27 43.09 32.68
N LEU D 111 -6.98 43.14 31.55
CA LEU D 111 -7.06 44.34 30.69
C LEU D 111 -8.29 45.18 31.03
N THR D 112 -8.21 46.48 30.70
CA THR D 112 -9.36 47.39 30.78
C THR D 112 -9.70 48.10 29.43
N ASP E 2 -21.04 25.08 16.73
CA ASP E 2 -22.52 24.99 16.80
C ASP E 2 -22.99 24.19 18.01
N ILE E 3 -22.24 24.25 19.10
CA ILE E 3 -22.52 23.34 20.18
C ILE E 3 -22.58 24.11 21.48
N VAL E 4 -23.67 23.93 22.22
CA VAL E 4 -24.07 24.88 23.25
C VAL E 4 -24.33 24.22 24.60
N MET E 5 -23.44 24.47 25.55
CA MET E 5 -23.57 23.87 26.88
C MET E 5 -24.48 24.75 27.70
N THR E 6 -25.26 24.14 28.56
CA THR E 6 -26.23 24.86 29.36
C THR E 6 -26.28 24.35 30.76
N GLN E 7 -25.68 25.09 31.68
CA GLN E 7 -25.94 24.85 33.08
C GLN E 7 -27.20 25.61 33.51
N ALA E 8 -28.19 24.86 33.97
CA ALA E 8 -29.52 25.39 34.11
C ALA E 8 -29.81 25.79 35.54
N ALA E 9 -28.76 26.07 36.31
CA ALA E 9 -28.84 26.22 37.77
C ALA E 9 -27.91 27.33 38.22
N PRO E 10 -28.12 28.55 37.73
CA PRO E 10 -27.07 29.57 37.77
C PRO E 10 -26.40 29.70 39.14
N SER E 11 -27.19 29.59 40.20
CA SER E 11 -26.66 29.61 41.54
C SER E 11 -27.38 28.56 42.33
N VAL E 12 -26.69 27.97 43.29
CA VAL E 12 -27.23 26.86 44.03
C VAL E 12 -26.73 26.94 45.47
N PRO E 13 -27.62 27.26 46.40
CA PRO E 13 -27.15 27.28 47.76
C PRO E 13 -27.22 25.90 48.39
N VAL E 14 -26.09 25.45 48.93
CA VAL E 14 -26.05 24.31 49.82
C VAL E 14 -25.38 24.63 51.17
N THR E 15 -25.65 23.82 52.20
CA THR E 15 -24.83 23.81 53.44
C THR E 15 -23.93 22.58 53.60
N PRO E 16 -22.99 22.65 54.54
CA PRO E 16 -21.92 21.66 54.48
C PRO E 16 -22.41 20.29 54.88
N GLY E 17 -21.73 19.25 54.39
CA GLY E 17 -22.22 17.89 54.55
C GLY E 17 -23.26 17.55 53.51
N GLU E 18 -24.22 18.45 53.32
CA GLU E 18 -25.16 18.33 52.21
C GLU E 18 -24.39 18.01 50.92
N SER E 19 -24.55 16.77 50.44
CA SER E 19 -24.17 16.46 49.09
C SER E 19 -25.07 17.19 48.10
N VAL E 20 -24.46 17.74 47.06
CA VAL E 20 -25.20 18.40 46.00
C VAL E 20 -24.67 17.87 44.66
N SER E 21 -25.52 17.89 43.62
CA SER E 21 -25.08 17.54 42.26
C SER E 21 -25.44 18.59 41.21
N ILE E 22 -24.50 18.91 40.33
CA ILE E 22 -24.60 20.03 39.42
C ILE E 22 -24.72 19.56 37.95
N SER E 23 -25.77 20.01 37.27
CA SER E 23 -26.04 19.56 35.91
C SER E 23 -25.45 20.48 34.84
N CYS E 24 -25.28 19.94 33.65
CA CYS E 24 -24.84 20.68 32.49
C CYS E 24 -25.29 19.83 31.31
N ARG E 25 -26.22 20.34 30.53
CA ARG E 25 -26.75 19.64 29.35
C ARG E 25 -26.06 20.11 28.07
N SER E 26 -26.29 19.38 26.98
CA SER E 26 -25.58 19.64 25.72
C SER E 26 -26.44 19.47 24.45
N THR E 27 -26.20 20.33 23.46
CA THR E 27 -26.88 20.24 22.19
C THR E 27 -26.63 18.86 21.62
N LYS E 28 -25.38 18.59 21.24
CA LYS E 28 -25.01 17.32 20.60
C LYS E 28 -24.66 16.30 21.68
N SER E 29 -24.53 15.08 21.28
CA SER E 29 -23.81 14.07 22.12
C SER E 29 -22.32 14.31 22.10
N LEU E 30 -21.70 14.16 23.27
CA LEU E 30 -20.26 14.35 23.37
C LEU E 30 -19.49 13.03 23.38
N LEU E 31 -20.21 11.91 23.31
CA LEU E 31 -19.58 10.61 23.12
C LEU E 31 -18.94 10.54 21.75
N HIS E 32 -17.92 9.71 21.65
CA HIS E 32 -17.05 9.61 20.48
C HIS E 32 -16.89 8.13 20.14
N SER E 33 -16.36 7.81 18.96
CA SER E 33 -16.01 6.43 18.68
C SER E 33 -14.99 5.96 19.71
N ASN E 34 -14.13 6.91 20.12
CA ASN E 34 -13.03 6.72 21.08
C ASN E 34 -13.43 5.95 22.34
N GLY E 35 -14.68 6.12 22.73
CA GLY E 35 -15.17 5.51 23.94
C GLY E 35 -15.22 6.60 24.97
N ASN E 36 -14.37 7.60 24.77
CA ASN E 36 -14.34 8.74 25.65
C ASN E 36 -15.48 9.65 25.35
N THR E 37 -15.86 10.43 26.36
CA THR E 37 -16.87 11.47 26.24
C THR E 37 -16.30 12.83 26.61
N TYR E 38 -16.41 13.80 25.70
CA TYR E 38 -15.51 14.98 25.71
C TYR E 38 -16.01 16.21 26.52
N LEU E 39 -15.93 16.12 27.83
CA LEU E 39 -16.45 17.16 28.69
C LEU E 39 -15.52 17.41 29.86
N TYR E 40 -15.14 18.67 30.07
CA TYR E 40 -14.48 19.08 31.32
C TYR E 40 -15.43 19.68 32.34
N TRP E 41 -14.96 19.67 33.57
CA TRP E 41 -15.56 20.45 34.64
C TRP E 41 -14.52 21.28 35.38
N PHE E 42 -14.90 22.49 35.73
CA PHE E 42 -13.96 23.44 36.29
C PHE E 42 -14.54 24.09 37.51
N LEU E 43 -13.65 24.51 38.40
CA LEU E 43 -14.01 25.28 39.58
C LEU E 43 -13.20 26.54 39.66
N GLN E 44 -13.85 27.68 39.47
CA GLN E 44 -13.23 28.96 39.73
C GLN E 44 -13.67 29.45 41.10
N ARG E 45 -12.85 29.15 42.09
CA ARG E 45 -12.91 29.84 43.37
C ARG E 45 -12.59 31.30 43.05
N PRO E 46 -13.15 32.23 43.84
CA PRO E 46 -13.22 33.62 43.43
C PRO E 46 -11.88 34.27 43.64
N GLY E 47 -11.42 35.01 42.63
CA GLY E 47 -10.09 35.60 42.63
C GLY E 47 -9.11 34.71 41.89
N GLN E 48 -9.25 33.41 42.11
CA GLN E 48 -8.30 32.44 41.65
C GLN E 48 -8.60 32.09 40.21
N SER E 49 -7.56 31.68 39.47
CA SER E 49 -7.73 31.14 38.12
C SER E 49 -8.40 29.80 38.29
N PRO E 50 -9.20 29.40 37.28
CA PRO E 50 -9.99 28.19 37.43
C PRO E 50 -9.11 26.94 37.40
N GLN E 51 -9.72 25.80 37.67
CA GLN E 51 -8.96 24.62 38.09
C GLN E 51 -9.66 23.35 37.60
N ARG E 52 -8.99 22.56 36.76
CA ARG E 52 -9.65 21.39 36.19
C ARG E 52 -9.98 20.41 37.31
N LEU E 53 -11.14 19.79 37.21
CA LEU E 53 -11.71 19.00 38.27
C LEU E 53 -11.91 17.60 37.75
N ILE E 54 -12.76 17.47 36.71
CA ILE E 54 -12.98 16.22 35.95
C ILE E 54 -12.62 16.42 34.44
N TYR E 55 -12.12 15.37 33.79
CA TYR E 55 -11.85 15.39 32.33
C TYR E 55 -12.25 14.09 31.67
N TYR E 56 -12.64 14.16 30.40
CA TYR E 56 -13.30 13.02 29.80
C TYR E 56 -14.47 12.50 30.66
N MET E 57 -15.43 13.39 30.94
CA MET E 57 -16.54 13.12 31.85
C MET E 57 -16.07 12.50 33.16
N SER E 58 -16.05 11.19 33.24
CA SER E 58 -15.94 10.50 34.52
C SER E 58 -14.60 10.70 35.26
N ASN E 59 -13.55 11.09 34.53
CA ASN E 59 -12.19 11.02 35.06
C ASN E 59 -11.80 12.26 35.82
N LEU E 60 -11.31 12.13 37.05
CA LEU E 60 -10.98 13.35 37.81
C LEU E 60 -9.50 13.63 37.95
N ALA E 61 -9.12 14.87 37.67
CA ALA E 61 -7.73 15.29 37.63
C ALA E 61 -6.96 15.13 38.94
N SER E 62 -5.68 15.49 38.90
CA SER E 62 -4.81 15.29 40.04
C SER E 62 -5.13 16.31 41.09
N GLY E 63 -4.79 16.00 42.34
CA GLY E 63 -5.01 16.92 43.43
C GLY E 63 -6.46 17.31 43.55
N VAL E 64 -7.32 16.31 43.56
CA VAL E 64 -8.75 16.52 43.66
C VAL E 64 -9.33 15.46 44.58
N PRO E 65 -10.30 15.84 45.42
CA PRO E 65 -10.86 14.91 46.39
C PRO E 65 -11.84 13.94 45.74
N ASP E 66 -11.85 12.70 46.22
CA ASP E 66 -12.85 11.71 45.85
C ASP E 66 -14.29 12.22 46.00
N ARG E 67 -14.53 13.12 46.94
CA ARG E 67 -15.82 13.77 47.04
C ARG E 67 -16.38 14.00 45.66
N PHE E 68 -15.58 14.58 44.78
CA PHE E 68 -16.05 14.95 43.44
C PHE E 68 -16.21 13.72 42.56
N SER E 69 -17.28 13.71 41.79
CA SER E 69 -17.49 12.68 40.80
C SER E 69 -18.36 13.24 39.69
N GLY E 70 -18.00 12.85 38.47
CA GLY E 70 -18.73 13.27 37.29
C GLY E 70 -19.38 12.08 36.62
N ARG E 71 -20.70 12.13 36.53
CA ARG E 71 -21.50 11.07 35.95
C ARG E 71 -22.25 11.72 34.78
N GLY E 72 -22.63 10.92 33.79
CA GLY E 72 -23.01 11.46 32.48
C GLY E 72 -23.76 10.53 31.54
N SER E 73 -24.82 11.06 30.93
CA SER E 73 -25.53 10.33 29.88
C SER E 73 -24.64 10.43 28.70
N GLY E 74 -25.02 11.27 27.76
CA GLY E 74 -24.18 11.52 26.60
C GLY E 74 -24.51 12.86 26.02
N THR E 75 -25.64 13.41 26.46
CA THR E 75 -25.92 14.83 26.35
C THR E 75 -26.23 15.55 27.69
N ASP E 76 -26.69 14.80 28.69
CA ASP E 76 -26.79 15.32 30.07
C ASP E 76 -25.73 14.73 30.99
N PHE E 77 -25.18 15.57 31.85
CA PHE E 77 -24.05 15.23 32.70
C PHE E 77 -24.26 15.89 34.06
N THR E 78 -23.73 15.26 35.10
CA THR E 78 -23.86 15.79 36.45
C THR E 78 -22.55 15.66 37.20
N LEU E 79 -22.36 16.57 38.15
CA LEU E 79 -21.15 16.66 38.93
C LEU E 79 -21.47 16.51 40.42
N ARG E 80 -21.57 15.29 40.93
CA ARG E 80 -21.91 15.09 42.34
C ARG E 80 -20.78 15.58 43.24
N ILE E 81 -21.13 16.40 44.23
CA ILE E 81 -20.20 16.74 45.29
C ILE E 81 -20.64 16.16 46.62
N SER E 82 -19.85 15.23 47.16
CA SER E 82 -20.39 14.19 48.01
C SER E 82 -20.65 14.69 49.41
N ARG E 83 -19.83 15.63 49.89
CA ARG E 83 -20.10 16.25 51.19
C ARG E 83 -19.40 17.59 51.29
N VAL E 84 -20.18 18.68 51.27
CA VAL E 84 -19.67 20.00 50.85
C VAL E 84 -18.83 20.66 51.95
N GLU E 85 -17.52 20.77 51.69
CA GLU E 85 -16.62 21.57 52.51
C GLU E 85 -16.65 23.01 52.03
N ALA E 86 -16.34 23.94 52.93
CA ALA E 86 -16.50 25.35 52.62
C ALA E 86 -15.57 25.71 51.50
N GLU E 87 -14.40 25.10 51.50
CA GLU E 87 -13.43 25.33 50.44
C GLU E 87 -14.03 25.08 49.04
N ASP E 88 -14.93 24.10 48.95
CA ASP E 88 -15.46 23.66 47.66
C ASP E 88 -16.37 24.73 46.99
N ALA E 89 -16.65 25.83 47.70
CA ALA E 89 -17.54 26.87 47.18
C ALA E 89 -16.89 27.68 46.09
N GLY E 90 -17.71 28.14 45.14
CA GLY E 90 -17.21 28.83 43.93
C GLY E 90 -18.21 28.84 42.78
N VAL E 91 -17.74 29.17 41.58
CA VAL E 91 -18.50 28.88 40.38
C VAL E 91 -17.93 27.68 39.67
N TYR E 92 -18.80 26.81 39.18
CA TYR E 92 -18.41 25.59 38.49
C TYR E 92 -18.75 25.69 37.02
N TYR E 93 -17.77 25.41 36.16
CA TYR E 93 -18.01 25.49 34.73
C TYR E 93 -17.81 24.13 34.08
N CYS E 94 -18.81 23.68 33.34
CA CYS E 94 -18.61 22.60 32.42
C CYS E 94 -18.14 23.15 31.08
N MET E 95 -17.46 22.33 30.28
CA MET E 95 -16.98 22.78 28.97
C MET E 95 -16.69 21.61 28.04
N GLN E 96 -17.30 21.63 26.87
CA GLN E 96 -17.17 20.51 25.95
C GLN E 96 -15.92 20.73 25.11
N SER E 97 -15.27 19.63 24.72
CA SER E 97 -14.08 19.71 23.88
C SER E 97 -14.16 18.68 22.76
N LEU E 98 -15.23 18.69 21.99
CA LEU E 98 -15.43 17.63 21.01
C LEU E 98 -15.14 18.16 19.65
N GLU E 99 -15.86 19.20 19.26
CA GLU E 99 -15.59 19.86 17.99
C GLU E 99 -15.21 21.29 18.31
N TYR E 100 -14.49 21.96 17.41
CA TYR E 100 -14.37 23.42 17.52
C TYR E 100 -15.67 24.08 17.08
N PRO E 101 -15.94 25.29 17.56
CA PRO E 101 -15.20 25.89 18.64
C PRO E 101 -15.64 25.28 19.94
N TYR E 102 -14.72 25.22 20.90
CA TYR E 102 -15.04 24.74 22.25
C TYR E 102 -15.91 25.73 22.96
N THR E 103 -16.72 25.22 23.87
CA THR E 103 -17.77 26.03 24.43
C THR E 103 -17.88 25.74 25.93
N PHE E 104 -17.84 26.82 26.69
CA PHE E 104 -17.91 26.74 28.14
C PHE E 104 -19.36 26.78 28.47
N GLY E 105 -19.71 26.31 29.66
CA GLY E 105 -21.06 26.46 30.17
C GLY E 105 -21.28 27.85 30.73
N GLY E 106 -22.33 28.00 31.52
CA GLY E 106 -22.75 29.30 31.99
C GLY E 106 -22.11 29.65 33.30
N GLY E 107 -21.60 28.63 33.97
CA GLY E 107 -21.34 28.74 35.38
C GLY E 107 -22.51 28.24 36.20
N THR E 108 -22.18 27.70 37.36
CA THR E 108 -23.12 27.57 38.42
C THR E 108 -22.44 27.90 39.75
N LYS E 109 -22.80 29.05 40.32
CA LYS E 109 -22.25 29.48 41.60
C LYS E 109 -22.83 28.56 42.65
N LEU E 110 -21.96 28.10 43.53
CA LEU E 110 -22.33 27.23 44.62
C LEU E 110 -22.05 27.93 45.93
N GLU E 111 -23.10 28.48 46.54
CA GLU E 111 -22.96 29.33 47.74
C GLU E 111 -23.12 28.47 48.99
N ILE E 112 -22.38 28.82 50.04
CA ILE E 112 -22.39 28.04 51.30
C ILE E 112 -23.17 28.78 52.41
N LYS E 113 -24.04 28.06 53.13
CA LYS E 113 -25.17 28.69 53.84
C LYS E 113 -25.07 28.55 55.38
N ARG E 114 -24.52 29.56 56.04
CA ARG E 114 -24.56 29.63 57.50
C ARG E 114 -26.00 29.46 58.02
N ASP F 2 6.24 -6.10 -34.69
CA ASP F 2 6.37 -7.41 -35.40
C ASP F 2 7.83 -7.64 -35.80
N ILE F 3 8.43 -8.65 -35.19
CA ILE F 3 9.84 -8.90 -35.35
C ILE F 3 10.01 -9.80 -36.53
N VAL F 4 11.04 -9.55 -37.31
CA VAL F 4 11.38 -10.39 -38.43
C VAL F 4 12.75 -11.03 -38.21
N MET F 5 12.77 -12.35 -38.06
CA MET F 5 14.02 -13.07 -37.90
C MET F 5 14.58 -13.44 -39.27
N THR F 6 15.90 -13.49 -39.40
CA THR F 6 16.49 -13.79 -40.70
C THR F 6 17.80 -14.55 -40.67
N GLN F 7 17.71 -15.80 -41.08
CA GLN F 7 18.92 -16.57 -41.34
C GLN F 7 19.36 -16.36 -42.78
N ALA F 8 20.57 -15.87 -42.95
CA ALA F 8 20.99 -15.33 -44.23
C ALA F 8 21.70 -16.38 -45.06
N ALA F 9 21.45 -17.65 -44.76
CA ALA F 9 22.33 -18.74 -45.17
C ALA F 9 21.53 -20.00 -45.47
N PRO F 10 20.58 -19.92 -46.41
CA PRO F 10 19.56 -20.95 -46.49
C PRO F 10 20.11 -22.37 -46.41
N SER F 11 21.20 -22.63 -47.13
CA SER F 11 21.85 -23.93 -47.08
C SER F 11 23.35 -23.74 -46.98
N VAL F 12 23.99 -24.64 -46.26
CA VAL F 12 25.42 -24.54 -45.95
C VAL F 12 26.00 -25.92 -45.94
N PRO F 13 26.82 -26.26 -46.94
CA PRO F 13 27.47 -27.56 -46.92
C PRO F 13 28.78 -27.55 -46.13
N VAL F 14 28.80 -28.32 -45.03
CA VAL F 14 30.04 -28.68 -44.31
C VAL F 14 30.54 -30.12 -44.62
N THR F 15 31.79 -30.41 -44.30
CA THR F 15 32.27 -31.78 -44.09
C THR F 15 32.59 -32.05 -42.62
N PRO F 16 32.60 -33.32 -42.21
CA PRO F 16 32.65 -33.60 -40.78
C PRO F 16 33.97 -33.15 -40.15
N GLY F 17 33.93 -32.83 -38.86
CA GLY F 17 35.06 -32.23 -38.18
C GLY F 17 35.13 -30.74 -38.41
N GLU F 18 34.96 -30.32 -39.65
CA GLU F 18 34.75 -28.91 -39.96
C GLU F 18 33.78 -28.34 -38.92
N SER F 19 34.24 -27.41 -38.10
CA SER F 19 33.32 -26.61 -37.32
C SER F 19 32.55 -25.70 -38.26
N VAL F 20 31.29 -25.44 -37.93
CA VAL F 20 30.49 -24.46 -38.64
C VAL F 20 29.80 -23.53 -37.66
N SER F 21 29.42 -22.34 -38.13
CA SER F 21 28.63 -21.42 -37.31
C SER F 21 27.55 -20.73 -38.12
N ILE F 22 26.33 -20.74 -37.60
CA ILE F 22 25.12 -20.41 -38.35
C ILE F 22 24.49 -19.12 -37.83
N SER F 23 24.36 -18.12 -38.68
CA SER F 23 23.90 -16.82 -38.24
C SER F 23 22.39 -16.71 -38.30
N CYS F 24 21.85 -15.82 -37.48
CA CYS F 24 20.44 -15.48 -37.47
C CYS F 24 20.35 -14.11 -36.89
N ARG F 25 20.10 -13.10 -37.74
CA ARG F 25 20.01 -11.69 -37.32
C ARG F 25 18.55 -11.30 -37.00
N SER F 26 18.36 -10.11 -36.42
CA SER F 26 17.05 -9.70 -35.91
C SER F 26 16.67 -8.23 -36.10
N THR F 27 15.36 -7.98 -36.21
CA THR F 27 14.88 -6.63 -36.40
C THR F 27 15.15 -5.85 -35.14
N LYS F 28 14.47 -6.21 -34.05
CA LYS F 28 14.66 -5.55 -32.74
C LYS F 28 15.87 -6.19 -32.07
N SER F 29 16.22 -5.66 -30.90
CA SER F 29 17.08 -6.40 -29.97
C SER F 29 16.24 -7.30 -29.08
N LEU F 30 16.74 -8.50 -28.84
CA LEU F 30 15.98 -9.52 -28.12
C LEU F 30 16.49 -9.61 -26.68
N LEU F 31 17.40 -8.73 -26.33
CA LEU F 31 17.75 -8.53 -24.93
C LEU F 31 16.64 -7.81 -24.19
N HIS F 32 16.62 -7.99 -22.88
CA HIS F 32 15.48 -7.65 -22.04
C HIS F 32 16.04 -7.11 -20.72
N SER F 33 15.23 -6.38 -19.96
CA SER F 33 15.71 -5.90 -18.68
C SER F 33 16.10 -7.11 -17.83
N ASN F 34 15.40 -8.23 -18.08
CA ASN F 34 15.64 -9.54 -17.45
C ASN F 34 17.12 -9.90 -17.38
N GLY F 35 17.84 -9.53 -18.43
CA GLY F 35 19.23 -9.86 -18.53
C GLY F 35 19.32 -11.01 -19.48
N ASN F 36 18.26 -11.81 -19.53
CA ASN F 36 18.13 -12.83 -20.53
C ASN F 36 17.89 -12.22 -21.90
N THR F 37 18.23 -13.01 -22.91
CA THR F 37 17.98 -12.66 -24.31
C THR F 37 17.21 -13.78 -25.04
N TYR F 38 16.13 -13.40 -25.71
CA TYR F 38 15.05 -14.35 -25.98
C TYR F 38 15.13 -15.10 -27.31
N LEU F 39 16.16 -15.93 -27.50
CA LEU F 39 16.25 -16.77 -28.74
C LEU F 39 16.24 -18.26 -28.42
N TYR F 40 15.37 -18.99 -29.10
CA TYR F 40 15.53 -20.42 -29.25
C TYR F 40 16.26 -20.76 -30.54
N TRP F 41 16.97 -21.87 -30.52
CA TRP F 41 17.55 -22.43 -31.69
C TRP F 41 17.05 -23.88 -31.81
N PHE F 42 16.72 -24.28 -33.02
CA PHE F 42 16.05 -25.55 -33.25
C PHE F 42 16.72 -26.33 -34.35
N LEU F 43 16.60 -27.65 -34.26
CA LEU F 43 17.08 -28.55 -35.30
C LEU F 43 16.01 -29.54 -35.68
N GLN F 44 15.49 -29.39 -36.88
CA GLN F 44 14.58 -30.35 -37.43
C GLN F 44 15.37 -31.23 -38.39
N ARG F 45 15.83 -32.37 -37.87
CA ARG F 45 16.29 -33.46 -38.73
C ARG F 45 15.05 -33.96 -39.49
N PRO F 46 15.27 -34.55 -40.68
CA PRO F 46 14.18 -34.76 -41.61
C PRO F 46 13.29 -35.87 -41.12
N GLY F 47 11.98 -35.70 -41.28
CA GLY F 47 10.99 -36.67 -40.81
C GLY F 47 10.70 -36.44 -39.36
N GLN F 48 11.76 -36.24 -38.59
CA GLN F 48 11.67 -35.87 -37.18
C GLN F 48 10.88 -34.57 -36.99
N SER F 49 10.26 -34.46 -35.81
CA SER F 49 9.86 -33.18 -35.26
C SER F 49 11.15 -32.46 -34.90
N PRO F 50 11.09 -31.13 -34.79
CA PRO F 50 12.25 -30.34 -34.37
C PRO F 50 12.52 -30.51 -32.89
N GLN F 51 13.75 -30.16 -32.49
CA GLN F 51 14.15 -30.33 -31.11
C GLN F 51 14.92 -29.12 -30.60
N ARG F 52 14.51 -28.63 -29.44
CA ARG F 52 15.12 -27.47 -28.83
C ARG F 52 16.57 -27.80 -28.52
N LEU F 53 17.45 -26.84 -28.79
CA LEU F 53 18.88 -27.10 -28.67
C LEU F 53 19.50 -26.07 -27.72
N ILE F 54 19.35 -24.77 -28.05
CA ILE F 54 19.70 -23.66 -27.15
C ILE F 54 18.43 -22.85 -26.79
N TYR F 55 18.38 -22.29 -25.59
CA TYR F 55 17.28 -21.41 -25.17
C TYR F 55 17.81 -20.28 -24.29
N TYR F 56 17.15 -19.13 -24.38
CA TYR F 56 17.74 -17.89 -23.92
C TYR F 56 19.13 -17.71 -24.49
N MET F 57 19.23 -17.60 -25.81
CA MET F 57 20.53 -17.55 -26.52
C MET F 57 21.52 -18.56 -25.96
N SER F 58 22.23 -18.18 -24.91
CA SER F 58 23.45 -18.85 -24.52
C SER F 58 23.26 -20.27 -24.03
N ASN F 59 22.10 -20.57 -23.42
CA ASN F 59 21.93 -21.81 -22.67
C ASN F 59 21.47 -22.93 -23.56
N LEU F 60 22.00 -24.13 -23.37
CA LEU F 60 21.56 -25.25 -24.21
C LEU F 60 20.81 -26.28 -23.44
N ALA F 61 19.79 -26.84 -24.05
CA ALA F 61 18.84 -27.69 -23.35
C ALA F 61 19.40 -29.09 -23.05
N SER F 62 18.56 -29.93 -22.45
CA SER F 62 19.01 -31.24 -22.01
C SER F 62 19.27 -32.12 -23.19
N GLY F 63 20.13 -33.11 -22.99
CA GLY F 63 20.45 -34.05 -24.05
C GLY F 63 20.92 -33.35 -25.30
N VAL F 64 21.87 -32.45 -25.13
CA VAL F 64 22.48 -31.79 -26.27
C VAL F 64 23.98 -31.68 -26.06
N PRO F 65 24.76 -31.98 -27.11
CA PRO F 65 26.20 -32.02 -27.03
C PRO F 65 26.84 -30.64 -26.81
N ASP F 66 27.96 -30.64 -26.08
CA ASP F 66 28.77 -29.45 -25.86
C ASP F 66 29.37 -28.87 -27.16
N ARG F 67 29.51 -29.68 -28.19
CA ARG F 67 29.67 -29.17 -29.54
C ARG F 67 28.88 -27.89 -29.78
N PHE F 68 27.58 -27.95 -29.49
CA PHE F 68 26.68 -26.84 -29.80
C PHE F 68 26.89 -25.67 -28.84
N SER F 69 27.01 -24.48 -29.43
CA SER F 69 27.24 -23.24 -28.70
C SER F 69 26.41 -22.12 -29.32
N GLY F 70 25.77 -21.34 -28.45
CA GLY F 70 25.03 -20.17 -28.87
C GLY F 70 25.70 -18.91 -28.39
N ARG F 71 26.09 -18.07 -29.36
CA ARG F 71 26.81 -16.84 -29.13
C ARG F 71 26.01 -15.71 -29.83
N GLY F 72 26.12 -14.48 -29.34
CA GLY F 72 25.11 -13.45 -29.64
C GLY F 72 25.34 -12.01 -29.15
N SER F 73 25.04 -11.07 -30.03
CA SER F 73 25.27 -9.64 -29.76
C SER F 73 23.98 -8.97 -29.37
N GLY F 74 22.89 -9.70 -29.33
CA GLY F 74 21.63 -9.10 -28.86
C GLY F 74 20.75 -8.62 -29.99
N THR F 75 21.30 -8.54 -31.20
CA THR F 75 20.48 -8.59 -32.43
C THR F 75 21.02 -9.48 -33.57
N ASP F 76 22.34 -9.70 -33.58
CA ASP F 76 22.93 -10.78 -34.35
C ASP F 76 23.37 -11.93 -33.46
N PHE F 77 23.24 -13.14 -33.97
CA PHE F 77 23.44 -14.36 -33.17
C PHE F 77 24.03 -15.46 -34.04
N THR F 78 24.77 -16.36 -33.42
CA THR F 78 25.43 -17.43 -34.14
C THR F 78 25.35 -18.72 -33.33
N LEU F 79 25.15 -19.82 -34.04
CA LEU F 79 25.21 -21.13 -33.46
C LEU F 79 26.46 -21.84 -33.97
N ARG F 80 27.55 -21.80 -33.21
CA ARG F 80 28.72 -22.62 -33.50
C ARG F 80 28.42 -24.10 -33.26
N ILE F 81 28.67 -24.92 -34.28
CA ILE F 81 28.71 -26.36 -34.10
C ILE F 81 30.13 -26.84 -34.26
N SER F 82 30.68 -27.43 -33.20
CA SER F 82 32.12 -27.36 -32.91
C SER F 82 32.90 -28.33 -33.77
N ARG F 83 32.30 -29.48 -34.08
CA ARG F 83 32.96 -30.46 -34.93
C ARG F 83 31.93 -31.41 -35.50
N VAL F 84 31.59 -31.24 -36.79
CA VAL F 84 30.31 -31.75 -37.28
C VAL F 84 30.28 -33.30 -37.32
N GLU F 85 29.44 -33.86 -36.45
CA GLU F 85 29.04 -35.26 -36.53
C GLU F 85 27.91 -35.42 -37.56
N ALA F 86 27.91 -36.54 -38.27
CA ALA F 86 27.00 -36.76 -39.38
C ALA F 86 25.56 -36.64 -38.94
N GLU F 87 25.28 -37.10 -37.72
CA GLU F 87 23.95 -36.96 -37.13
C GLU F 87 23.44 -35.51 -37.19
N ASP F 88 24.32 -34.54 -36.93
CA ASP F 88 23.91 -33.15 -36.69
C ASP F 88 23.37 -32.44 -37.97
N ALA F 89 23.37 -33.14 -39.09
CA ALA F 89 22.85 -32.59 -40.34
C ALA F 89 21.35 -32.42 -40.30
N GLY F 90 20.84 -31.38 -40.95
CA GLY F 90 19.41 -31.01 -40.85
C GLY F 90 19.13 -29.56 -41.21
N VAL F 91 17.93 -29.08 -40.90
CA VAL F 91 17.66 -27.65 -40.94
C VAL F 91 17.62 -27.09 -39.53
N TYR F 92 18.24 -25.94 -39.34
CA TYR F 92 18.31 -25.32 -38.02
C TYR F 92 17.46 -24.08 -38.06
N TYR F 93 16.62 -23.95 -37.05
CA TYR F 93 15.75 -22.80 -36.97
C TYR F 93 16.00 -21.99 -35.73
N CYS F 94 16.30 -20.71 -35.92
CA CYS F 94 16.23 -19.78 -34.85
C CYS F 94 14.80 -19.27 -34.68
N MET F 95 14.45 -18.86 -33.46
CA MET F 95 13.11 -18.38 -33.13
C MET F 95 13.08 -17.41 -31.95
N GLN F 96 12.65 -16.19 -32.20
CA GLN F 96 12.59 -15.18 -31.15
C GLN F 96 11.36 -15.36 -30.34
N SER F 97 11.46 -15.09 -29.03
CA SER F 97 10.34 -15.19 -28.11
C SER F 97 10.32 -14.04 -27.14
N LEU F 98 10.33 -12.82 -27.65
CA LEU F 98 10.29 -11.64 -26.80
C LEU F 98 8.91 -11.06 -26.80
N GLU F 99 8.46 -10.65 -27.98
CA GLU F 99 7.18 -9.98 -28.11
C GLU F 99 6.28 -10.93 -28.92
N TYR F 100 4.98 -10.95 -28.65
CA TYR F 100 4.08 -11.59 -29.60
C TYR F 100 3.96 -10.73 -30.85
N PRO F 101 3.83 -11.32 -32.03
CA PRO F 101 3.84 -12.75 -32.22
C PRO F 101 5.23 -13.23 -32.28
N TYR F 102 5.46 -14.45 -31.82
CA TYR F 102 6.78 -15.07 -31.98
C TYR F 102 6.98 -15.34 -33.42
N THR F 103 8.24 -15.46 -33.80
CA THR F 103 8.58 -15.57 -35.21
C THR F 103 9.77 -16.48 -35.38
N PHE F 104 9.70 -17.33 -36.40
CA PHE F 104 10.75 -18.31 -36.64
C PHE F 104 11.68 -17.74 -37.68
N GLY F 105 12.86 -18.30 -37.76
CA GLY F 105 13.74 -18.00 -38.87
C GLY F 105 13.29 -18.69 -40.14
N GLY F 106 14.16 -18.64 -41.14
CA GLY F 106 13.86 -19.18 -42.45
C GLY F 106 14.25 -20.64 -42.46
N GLY F 107 15.02 -21.03 -41.47
CA GLY F 107 15.80 -22.24 -41.58
C GLY F 107 17.19 -22.04 -42.18
N THR F 108 18.08 -22.92 -41.79
CA THR F 108 19.28 -23.15 -42.55
C THR F 108 19.62 -24.65 -42.62
N LYS F 109 19.48 -25.19 -43.83
CA LYS F 109 19.78 -26.59 -44.08
C LYS F 109 21.28 -26.70 -43.95
N LEU F 110 21.72 -27.66 -43.14
CA LEU F 110 23.12 -27.96 -42.98
C LEU F 110 23.45 -29.24 -43.68
N GLU F 111 23.87 -29.14 -44.93
CA GLU F 111 24.11 -30.30 -45.78
C GLU F 111 25.48 -30.89 -45.48
N ILE F 112 25.59 -32.20 -45.63
CA ILE F 112 26.80 -32.90 -45.22
C ILE F 112 27.31 -33.70 -46.41
N LYS F 113 28.62 -33.69 -46.65
CA LYS F 113 29.09 -34.07 -47.98
C LYS F 113 30.31 -35.00 -48.04
N ARG F 114 30.06 -36.24 -48.49
CA ARG F 114 31.12 -37.09 -48.96
C ARG F 114 32.16 -36.24 -49.67
N LEU F 115 33.22 -35.86 -48.94
CA LEU F 115 34.44 -35.43 -49.57
C LEU F 115 35.13 -36.62 -50.22
C1 NAG G . 22.13 -17.43 -15.39
C2 NAG G . 22.86 -16.59 -16.43
C3 NAG G . 23.76 -17.44 -17.31
C4 NAG G . 24.66 -18.37 -16.49
C5 NAG G . 23.85 -19.08 -15.40
C6 NAG G . 24.78 -19.91 -14.50
C7 NAG G . 22.18 -14.72 -17.84
C8 NAG G . 21.09 -14.14 -18.68
N2 NAG G . 21.92 -15.92 -17.30
O3 NAG G . 24.56 -16.58 -18.11
O4 NAG G . 25.21 -19.31 -17.42
O5 NAG G . 23.12 -18.14 -14.63
O6 NAG G . 24.61 -19.63 -13.10
O7 NAG G . 23.22 -14.12 -17.64
C1 NAG G . 26.57 -19.66 -17.12
C2 NAG G . 27.01 -20.77 -18.04
C3 NAG G . 28.46 -21.19 -17.74
C4 NAG G . 29.02 -20.45 -16.52
C5 NAG G . 28.69 -18.94 -16.48
C6 NAG G . 29.85 -18.08 -16.94
C7 NAG G . 25.97 -22.61 -16.81
C8 NAG G . 24.93 -23.70 -16.90
N2 NAG G . 26.07 -21.86 -17.90
O3 NAG G . 29.28 -20.93 -18.87
O4 NAG G . 28.53 -21.11 -15.34
O5 NAG G . 27.52 -18.62 -17.27
O6 NAG G . 30.21 -17.14 -15.91
O7 NAG G . 26.69 -22.44 -15.84
C1 FUC G . 25.45 -20.56 -12.37
C2 FUC G . 26.88 -20.05 -12.13
C3 FUC G . 27.01 -19.51 -10.70
C4 FUC G . 25.71 -18.83 -10.30
C5 FUC G . 24.57 -19.85 -10.24
C6 FUC G . 24.34 -20.41 -8.83
O2 FUC G . 27.31 -19.02 -13.05
O3 FUC G . 27.28 -20.58 -9.80
O4 FUC G . 25.91 -18.16 -9.04
O5 FUC G . 24.85 -20.95 -11.12
C1 NAG H . -2.72 -8.56 8.56
C2 NAG H . -4.08 -9.14 8.96
C3 NAG H . -4.06 -10.64 9.19
C4 NAG H . -3.16 -11.42 8.23
C5 NAG H . -1.84 -10.67 8.01
C6 NAG H . -0.88 -11.38 7.04
C7 NAG H . -5.57 -7.56 10.06
C8 NAG H . -6.02 -6.93 11.35
N2 NAG H . -4.60 -8.48 10.15
O3 NAG H . -5.42 -11.08 9.06
O4 NAG H . -2.88 -12.72 8.77
O5 NAG H . -2.16 -9.39 7.54
O6 NAG H . 0.41 -10.72 6.96
O7 NAG H . -6.07 -7.22 9.00
C1 NAG H . -3.78 -13.74 8.26
C2 NAG H . -3.18 -15.10 8.58
C3 NAG H . -4.11 -16.24 8.13
C4 NAG H . -5.56 -16.00 8.53
C5 NAG H . -6.00 -14.58 8.22
C6 NAG H . -7.41 -14.31 8.72
C7 NAG H . -1.62 -15.22 6.67
C8 NAG H . -0.18 -15.35 6.27
N2 NAG H . -1.86 -15.23 7.99
O3 NAG H . -3.66 -17.47 8.71
O4 NAG H . -6.39 -16.93 7.81
O5 NAG H . -5.09 -13.65 8.82
O6 NAG H . -7.42 -14.31 10.15
O7 NAG H . -2.50 -15.12 5.81
C1 NAG I . -10.08 4.18 30.45
C2 NAG I . -11.54 4.05 30.81
C3 NAG I . -11.71 4.45 32.25
C4 NAG I . -10.91 3.52 33.14
C5 NAG I . -9.46 3.35 32.68
C6 NAG I . -8.90 2.03 33.18
C7 NAG I . -13.41 4.47 29.29
C8 NAG I . -13.75 3.00 29.33
N2 NAG I . -12.38 4.92 29.99
O3 NAG I . -13.11 4.42 32.56
O4 NAG I . -10.82 4.10 34.45
O5 NAG I . -9.32 3.31 31.27
O6 NAG I . -8.23 2.19 34.44
O7 NAG I . -14.07 5.21 28.58
C1 NAG I . -11.75 3.53 35.37
C2 NAG I . -11.59 4.32 36.65
C3 NAG I . -12.92 4.80 37.20
C4 NAG I . -13.87 3.62 37.22
C5 NAG I . -14.09 3.08 35.80
C6 NAG I . -15.44 3.54 35.24
C7 NAG I . -9.60 3.67 37.80
C8 NAG I . -8.96 2.69 38.74
N2 NAG I . -10.89 3.48 37.59
O3 NAG I . -13.43 5.84 36.36
O4 NAG I . -13.30 2.61 38.07
O5 NAG I . -13.10 3.56 34.89
O6 NAG I . -16.52 2.82 35.84
O7 NAG I . -9.00 4.59 37.26
C1 FUC I . -7.61 0.96 34.87
C2 FUC I . -8.66 -0.10 35.23
C3 FUC I . -9.09 -1.02 34.09
C4 FUC I . -7.97 -1.29 33.06
C5 FUC I . -6.60 -0.85 33.54
C6 FUC I . -6.03 -1.73 34.66
O2 FUC I . -9.86 0.52 35.71
O3 FUC I . -9.63 -2.23 34.67
O4 FUC I . -7.93 -2.67 32.66
O5 FUC I . -6.62 0.54 33.92
C1 NAG J . 11.84 -30.30 -12.17
C2 NAG J . 11.50 -31.38 -13.17
C3 NAG J . 11.54 -32.74 -12.52
C4 NAG J . 12.89 -33.00 -11.84
C5 NAG J . 13.42 -31.80 -11.06
C6 NAG J . 14.95 -31.94 -10.86
C7 NAG J . 9.83 -31.14 -14.94
C8 NAG J . 8.37 -30.94 -15.23
N2 NAG J . 10.16 -31.16 -13.65
O3 NAG J . 11.25 -33.75 -13.50
O4 NAG J . 12.72 -34.11 -10.93
O5 NAG J . 13.18 -30.55 -11.71
O6 NAG J . 15.67 -30.88 -11.48
O7 NAG J . 10.65 -31.24 -15.83
C1 NAG K . 11.88 -1.65 3.09
C2 NAG K . 13.12 -0.87 2.65
C3 NAG K . 14.07 -0.63 3.81
C4 NAG K . 13.35 -0.17 5.08
C5 NAG K . 12.16 -1.09 5.38
C6 NAG K . 11.37 -0.73 6.64
C7 NAG K . 13.62 -1.30 0.30
C8 NAG K . 14.50 -2.03 -0.68
N2 NAG K . 13.86 -1.53 1.59
O3 NAG K . 15.02 0.36 3.36
O4 NAG K . 14.26 -0.17 6.19
O5 NAG K . 11.32 -1.00 4.23
O6 NAG K . 10.72 -1.86 7.24
O7 NAG K . 12.72 -0.57 -0.10
C1 NAG L . -14.88 -1.62 -9.18
C2 NAG L . -15.35 -2.14 -10.55
C3 NAG L . -16.37 -3.24 -10.37
C4 NAG L . -15.64 -4.37 -9.66
C5 NAG L . -15.12 -3.85 -8.33
C6 NAG L . -14.39 -4.96 -7.57
C7 NAG L . -15.45 -0.90 -12.61
C8 NAG L . -16.12 0.20 -13.39
N2 NAG L . -15.93 -1.12 -11.40
O3 NAG L . -16.89 -3.65 -11.64
O4 NAG L . -16.52 -5.49 -9.47
O5 NAG L . -14.25 -2.73 -8.51
O6 NAG L . -14.36 -6.16 -8.35
O7 NAG L . -14.50 -1.56 -13.02
C1 NAG M . 4.67 12.70 32.52
C2 NAG M . 5.33 14.06 32.88
C3 NAG M . 6.17 14.01 34.16
C4 NAG M . 5.79 12.94 35.19
C5 NAG M . 5.46 11.60 34.57
C6 NAG M . 4.99 10.60 35.66
C7 NAG M . 6.45 15.76 31.33
C8 NAG M . 5.63 16.81 32.02
N2 NAG M . 6.23 14.49 31.77
O3 NAG M . 6.14 15.27 34.85
O4 NAG M . 6.88 12.77 36.09
O5 NAG M . 4.43 11.83 33.62
O6 NAG M . 3.94 9.69 35.26
O7 NAG M . 7.27 16.07 30.41
C1 NAG N . 0.59 16.23 -6.71
C2 NAG N . 1.68 17.32 -6.62
C3 NAG N . 1.22 18.52 -5.79
C4 NAG N . -0.10 19.01 -6.35
C5 NAG N . -1.14 17.91 -6.20
C6 NAG N . -2.52 18.39 -6.67
C7 NAG N . 3.69 17.15 -5.13
C8 NAG N . 4.86 16.28 -4.81
N2 NAG N . 2.90 16.68 -6.10
O3 NAG N . 2.17 19.58 -5.86
O4 NAG N . -0.51 20.19 -5.64
O5 NAG N . -0.74 16.74 -6.92
O6 NAG N . -2.45 18.94 -7.99
O7 NAG N . 3.49 18.20 -4.52
#